data_1K91
#
_entry.id   1K91
#
_entity_poly.entity_id   1
_entity_poly.type   'polypeptide(L)'
_entity_poly.pdbx_seq_one_letter_code
;GKPEHIPDPDAKKPEDWDEEMDGEWEPPVIQNPEYKG
;
_entity_poly.pdbx_strand_id   A
#
# COMPACT_ATOMS: atom_id res chain seq x y z
N GLY A 1 17.24 -9.09 -1.37
CA GLY A 1 17.57 -7.68 -1.14
C GLY A 1 16.33 -6.85 -0.92
N LYS A 2 15.50 -6.65 -1.95
CA LYS A 2 14.16 -6.07 -1.80
C LYS A 2 13.21 -6.80 -2.76
N PRO A 3 11.88 -6.76 -2.53
CA PRO A 3 10.87 -7.36 -3.39
C PRO A 3 10.68 -6.63 -4.71
N GLU A 4 9.81 -7.15 -5.57
CA GLU A 4 9.47 -6.53 -6.85
C GLU A 4 8.84 -5.16 -6.67
N HIS A 5 7.98 -4.98 -5.67
CA HIS A 5 7.28 -3.74 -5.38
C HIS A 5 7.41 -3.45 -3.89
N ILE A 6 7.24 -2.18 -3.52
CA ILE A 6 7.44 -1.66 -2.17
C ILE A 6 6.09 -1.06 -1.75
N PRO A 7 5.71 -1.06 -0.47
CA PRO A 7 4.40 -0.59 -0.08
C PRO A 7 4.36 0.93 0.05
N ASP A 8 3.16 1.48 0.23
CA ASP A 8 2.94 2.91 0.39
C ASP A 8 2.60 3.23 1.87
N PRO A 9 3.50 3.88 2.63
CA PRO A 9 3.20 4.37 3.96
C PRO A 9 2.53 5.75 3.97
N ASP A 10 2.62 6.48 2.86
CA ASP A 10 2.18 7.87 2.74
C ASP A 10 0.70 7.98 2.39
N ALA A 11 0.15 6.93 1.76
CA ALA A 11 -1.28 6.74 1.64
C ALA A 11 -1.89 6.52 3.02
N LYS A 12 -3.19 6.81 3.16
CA LYS A 12 -3.95 6.57 4.38
C LYS A 12 -5.32 6.00 4.03
N LYS A 13 -5.93 5.33 5.01
CA LYS A 13 -7.37 5.07 5.07
C LYS A 13 -8.12 6.26 4.48
N PRO A 14 -8.95 6.08 3.44
CA PRO A 14 -9.61 7.20 2.81
C PRO A 14 -10.43 8.01 3.82
N GLU A 15 -10.48 9.32 3.60
CA GLU A 15 -11.27 10.28 4.37
C GLU A 15 -12.78 9.98 4.27
N ASP A 16 -13.16 9.15 3.29
CA ASP A 16 -14.53 8.73 2.98
C ASP A 16 -14.67 7.20 3.02
N TRP A 17 -13.72 6.48 3.63
CA TRP A 17 -13.73 5.02 3.80
C TRP A 17 -14.96 4.57 4.59
N ASP A 18 -15.33 3.29 4.45
CA ASP A 18 -16.44 2.67 5.15
C ASP A 18 -15.91 1.43 5.86
N GLU A 19 -15.36 1.62 7.05
CA GLU A 19 -14.80 0.52 7.84
C GLU A 19 -15.87 -0.52 8.16
N GLU A 20 -17.13 -0.11 8.33
CA GLU A 20 -18.21 -1.04 8.67
C GLU A 20 -18.69 -1.82 7.43
N MET A 21 -18.34 -1.40 6.21
CA MET A 21 -18.65 -2.09 4.97
C MET A 21 -17.49 -2.99 4.57
N ASP A 22 -16.27 -2.48 4.56
CA ASP A 22 -15.15 -3.18 3.93
C ASP A 22 -14.14 -3.71 4.95
N GLY A 23 -14.21 -3.27 6.20
CA GLY A 23 -13.28 -3.66 7.24
C GLY A 23 -11.91 -3.04 6.99
N GLU A 24 -10.91 -3.92 6.94
CA GLU A 24 -9.51 -3.61 6.81
C GLU A 24 -9.28 -2.82 5.52
N TRP A 25 -8.77 -1.60 5.67
CA TRP A 25 -8.13 -0.93 4.55
C TRP A 25 -6.74 -1.53 4.34
N GLU A 26 -6.23 -1.46 3.12
CA GLU A 26 -4.87 -1.82 2.75
C GLU A 26 -4.36 -0.70 1.85
N PRO A 27 -3.12 -0.23 2.04
CA PRO A 27 -2.54 0.79 1.19
C PRO A 27 -2.23 0.29 -0.23
N PRO A 28 -2.00 1.22 -1.17
CA PRO A 28 -1.34 0.90 -2.42
C PRO A 28 0.14 0.57 -2.19
N VAL A 29 0.85 0.46 -3.30
CA VAL A 29 2.25 0.17 -3.40
C VAL A 29 2.91 1.22 -4.30
N ILE A 30 4.21 1.08 -4.49
CA ILE A 30 5.03 1.87 -5.38
C ILE A 30 5.83 0.87 -6.21
N GLN A 31 6.16 1.25 -7.44
CA GLN A 31 7.17 0.57 -8.22
C GLN A 31 8.47 0.69 -7.43
N ASN A 32 9.21 -0.41 -7.24
CA ASN A 32 10.40 -0.40 -6.39
C ASN A 32 11.51 0.39 -7.10
N PRO A 33 12.04 1.48 -6.51
CA PRO A 33 13.09 2.27 -7.13
C PRO A 33 14.40 1.49 -7.33
N GLU A 34 14.63 0.41 -6.59
CA GLU A 34 15.76 -0.51 -6.77
C GLU A 34 15.31 -1.93 -6.40
N TYR A 35 14.42 -2.49 -7.21
CA TYR A 35 14.23 -3.94 -7.26
C TYR A 35 15.51 -4.52 -7.82
N LYS A 36 16.21 -5.31 -7.01
CA LYS A 36 17.31 -6.17 -7.46
C LYS A 36 16.85 -7.62 -7.37
N GLY A 37 16.11 -7.95 -6.31
CA GLY A 37 15.98 -9.30 -5.79
C GLY A 37 16.81 -9.36 -4.53
N GLY A 1 16.48 -10.66 -2.85
CA GLY A 1 16.69 -9.76 -1.72
C GLY A 1 15.55 -8.76 -1.57
N LYS A 2 15.53 -7.71 -2.38
CA LYS A 2 14.45 -6.73 -2.42
C LYS A 2 13.26 -7.31 -3.19
N PRO A 3 12.02 -7.01 -2.78
CA PRO A 3 10.84 -7.45 -3.50
C PRO A 3 10.72 -6.75 -4.84
N GLU A 4 9.75 -7.16 -5.65
CA GLU A 4 9.51 -6.61 -6.98
C GLU A 4 8.86 -5.23 -6.86
N HIS A 5 7.98 -5.04 -5.88
CA HIS A 5 7.27 -3.78 -5.64
C HIS A 5 7.49 -3.37 -4.18
N ILE A 6 7.13 -2.15 -3.82
CA ILE A 6 7.30 -1.55 -2.50
C ILE A 6 5.95 -0.93 -2.10
N PRO A 7 5.61 -0.83 -0.81
CA PRO A 7 4.38 -0.19 -0.37
C PRO A 7 4.52 1.33 -0.38
N ASP A 8 3.41 2.04 -0.21
CA ASP A 8 3.40 3.49 -0.02
C ASP A 8 3.32 3.77 1.48
N PRO A 9 4.42 4.13 2.17
CA PRO A 9 4.38 4.39 3.61
C PRO A 9 3.59 5.67 3.90
N ASP A 10 3.61 6.61 2.96
CA ASP A 10 3.03 7.94 3.08
C ASP A 10 1.55 7.90 2.68
N ALA A 11 0.93 6.72 2.63
CA ALA A 11 -0.48 6.50 2.32
C ALA A 11 -1.37 6.57 3.57
N LYS A 12 -2.40 7.43 3.58
CA LYS A 12 -3.52 7.36 4.52
C LYS A 12 -4.77 6.84 3.84
N LYS A 13 -5.52 6.00 4.57
CA LYS A 13 -6.85 5.54 4.23
C LYS A 13 -7.82 6.70 3.96
N PRO A 14 -8.93 6.45 3.24
CA PRO A 14 -9.96 7.46 3.06
C PRO A 14 -10.65 7.77 4.39
N GLU A 15 -11.18 8.98 4.50
CA GLU A 15 -11.91 9.42 5.67
C GLU A 15 -13.36 8.90 5.63
N ASP A 16 -13.85 8.66 4.41
CA ASP A 16 -15.15 8.05 4.08
C ASP A 16 -15.15 6.53 4.25
N TRP A 17 -14.01 5.93 4.57
CA TRP A 17 -13.81 4.48 4.57
C TRP A 17 -14.74 3.77 5.55
N ASP A 18 -15.59 2.89 5.00
CA ASP A 18 -16.55 2.06 5.71
C ASP A 18 -15.85 0.77 6.14
N GLU A 19 -15.29 0.78 7.35
CA GLU A 19 -14.71 -0.41 7.98
C GLU A 19 -15.76 -1.50 8.25
N GLU A 20 -17.05 -1.14 8.27
CA GLU A 20 -18.16 -2.05 8.47
C GLU A 20 -18.58 -2.72 7.14
N MET A 21 -18.00 -2.29 6.00
CA MET A 21 -18.31 -2.81 4.68
C MET A 21 -17.09 -3.53 4.14
N ASP A 22 -16.00 -2.78 3.90
CA ASP A 22 -14.85 -3.35 3.20
C ASP A 22 -13.98 -4.14 4.18
N GLY A 23 -13.38 -3.45 5.16
CA GLY A 23 -12.49 -4.07 6.13
C GLY A 23 -11.32 -3.15 6.49
N GLU A 24 -10.19 -3.74 6.87
CA GLU A 24 -8.93 -3.06 7.02
C GLU A 24 -8.43 -2.61 5.66
N TRP A 25 -8.38 -1.30 5.44
CA TRP A 25 -7.91 -0.70 4.19
C TRP A 25 -6.47 -1.12 3.91
N GLU A 26 -6.23 -1.68 2.73
CA GLU A 26 -4.88 -1.84 2.23
C GLU A 26 -4.46 -0.57 1.46
N PRO A 27 -3.35 0.09 1.87
CA PRO A 27 -2.73 1.17 1.11
C PRO A 27 -2.20 0.73 -0.27
N PRO A 28 -1.88 1.66 -1.19
CA PRO A 28 -1.30 1.34 -2.48
C PRO A 28 0.16 0.91 -2.39
N VAL A 29 0.75 0.68 -3.57
CA VAL A 29 2.09 0.25 -3.80
C VAL A 29 2.74 1.14 -4.86
N ILE A 30 4.06 1.02 -4.99
CA ILE A 30 4.96 1.91 -5.71
C ILE A 30 6.04 1.02 -6.33
N GLN A 31 6.65 1.49 -7.43
CA GLN A 31 7.70 0.75 -8.14
C GLN A 31 8.99 0.77 -7.33
N ASN A 32 9.52 -0.43 -7.02
CA ASN A 32 10.76 -0.55 -6.27
C ASN A 32 11.92 0.09 -7.04
N PRO A 33 12.50 1.20 -6.56
CA PRO A 33 13.55 1.92 -7.27
C PRO A 33 14.88 1.17 -7.28
N GLU A 34 15.02 0.09 -6.52
CA GLU A 34 16.25 -0.66 -6.36
C GLU A 34 16.14 -2.08 -6.93
N TYR A 35 14.94 -2.50 -7.34
CA TYR A 35 14.73 -3.79 -7.99
C TYR A 35 15.15 -3.69 -9.46
N LYS A 36 16.39 -4.09 -9.79
CA LYS A 36 16.76 -4.20 -11.20
C LYS A 36 16.30 -5.57 -11.73
N GLY A 37 15.00 -5.70 -11.99
CA GLY A 37 14.54 -6.34 -13.22
C GLY A 37 14.37 -5.26 -14.26
N GLY A 1 15.97 -9.94 0.75
CA GLY A 1 15.93 -9.05 -0.40
C GLY A 1 14.75 -8.10 -0.33
N LYS A 2 14.86 -6.94 -0.98
CA LYS A 2 13.70 -6.09 -1.21
C LYS A 2 12.79 -6.82 -2.19
N PRO A 3 11.46 -6.78 -2.01
CA PRO A 3 10.53 -7.26 -3.01
C PRO A 3 10.57 -6.40 -4.26
N GLU A 4 9.88 -6.88 -5.28
CA GLU A 4 9.80 -6.26 -6.60
C GLU A 4 8.97 -4.97 -6.56
N HIS A 5 8.07 -4.84 -5.59
CA HIS A 5 7.34 -3.61 -5.31
C HIS A 5 7.55 -3.24 -3.84
N ILE A 6 7.12 -2.04 -3.47
CA ILE A 6 7.19 -1.50 -2.13
C ILE A 6 5.78 -0.94 -1.85
N PRO A 7 5.26 -0.97 -0.63
CA PRO A 7 3.95 -0.41 -0.33
C PRO A 7 4.04 1.09 -0.12
N ASP A 8 2.90 1.76 -0.15
CA ASP A 8 2.83 3.20 0.03
C ASP A 8 2.88 3.50 1.53
N PRO A 9 3.93 4.18 2.04
CA PRO A 9 4.04 4.49 3.46
C PRO A 9 3.22 5.71 3.86
N ASP A 10 3.08 6.68 2.95
CA ASP A 10 2.54 8.00 3.20
C ASP A 10 1.02 7.95 3.24
N ALA A 11 0.44 7.06 2.42
CA ALA A 11 -0.98 6.79 2.42
C ALA A 11 -1.43 6.29 3.80
N LYS A 12 -2.66 6.69 4.14
CA LYS A 12 -3.45 6.18 5.26
C LYS A 12 -4.84 5.89 4.73
N LYS A 13 -5.59 5.09 5.51
CA LYS A 13 -6.99 4.80 5.26
C LYS A 13 -7.77 6.05 4.86
N PRO A 14 -8.63 5.96 3.83
CA PRO A 14 -9.41 7.10 3.39
C PRO A 14 -10.21 7.71 4.53
N GLU A 15 -10.32 9.04 4.52
CA GLU A 15 -11.17 9.82 5.41
C GLU A 15 -12.65 9.45 5.20
N ASP A 16 -12.96 8.83 4.06
CA ASP A 16 -14.29 8.55 3.51
C ASP A 16 -14.53 7.03 3.39
N TRP A 17 -13.64 6.21 3.96
CA TRP A 17 -13.72 4.74 4.02
C TRP A 17 -14.90 4.26 4.89
N ASP A 18 -15.16 2.95 4.92
CA ASP A 18 -16.21 2.34 5.72
C ASP A 18 -15.73 0.99 6.29
N GLU A 19 -15.09 1.02 7.46
CA GLU A 19 -14.62 -0.19 8.17
C GLU A 19 -15.76 -1.13 8.62
N GLU A 20 -17.03 -0.69 8.59
CA GLU A 20 -18.17 -1.54 8.87
C GLU A 20 -18.68 -2.21 7.60
N MET A 21 -18.52 -1.56 6.44
CA MET A 21 -19.01 -2.08 5.17
C MET A 21 -17.91 -2.91 4.53
N ASP A 22 -16.85 -2.28 4.06
CA ASP A 22 -15.84 -2.94 3.24
C ASP A 22 -14.94 -3.79 4.14
N GLY A 23 -14.27 -3.17 5.12
CA GLY A 23 -13.42 -3.86 6.09
C GLY A 23 -12.00 -3.31 6.08
N GLU A 24 -11.02 -4.22 6.17
CA GLU A 24 -9.59 -3.91 6.15
C GLU A 24 -9.24 -3.24 4.82
N TRP A 25 -8.83 -1.98 4.89
CA TRP A 25 -8.30 -1.29 3.74
C TRP A 25 -6.95 -1.91 3.34
N GLU A 26 -6.50 -1.64 2.11
CA GLU A 26 -5.14 -1.91 1.68
C GLU A 26 -4.60 -0.63 1.06
N PRO A 27 -3.37 -0.20 1.42
CA PRO A 27 -2.73 0.92 0.75
C PRO A 27 -2.32 0.55 -0.68
N PRO A 28 -2.00 1.56 -1.51
CA PRO A 28 -1.36 1.34 -2.79
C PRO A 28 0.07 0.82 -2.65
N VAL A 29 0.74 0.61 -3.79
CA VAL A 29 2.13 0.26 -3.90
C VAL A 29 2.83 1.17 -4.91
N ILE A 30 4.15 1.06 -4.94
CA ILE A 30 5.07 1.94 -5.62
C ILE A 30 6.16 1.02 -6.21
N GLN A 31 6.49 1.22 -7.49
CA GLN A 31 7.58 0.52 -8.16
C GLN A 31 8.88 0.81 -7.42
N ASN A 32 9.60 -0.25 -7.06
CA ASN A 32 10.71 -0.21 -6.11
C ASN A 32 11.88 0.63 -6.69
N PRO A 33 12.31 1.72 -6.03
CA PRO A 33 13.41 2.58 -6.49
C PRO A 33 14.77 1.89 -6.60
N GLU A 34 14.98 0.75 -5.96
CA GLU A 34 16.01 -0.21 -6.32
C GLU A 34 15.47 -1.56 -5.85
N TYR A 35 14.59 -2.18 -6.66
CA TYR A 35 14.62 -3.63 -6.68
C TYR A 35 16.04 -3.98 -7.13
N LYS A 36 16.76 -4.76 -6.32
CA LYS A 36 18.12 -5.19 -6.57
C LYS A 36 18.11 -6.68 -6.26
N GLY A 37 17.80 -7.02 -5.00
CA GLY A 37 17.38 -8.34 -4.59
C GLY A 37 17.51 -8.42 -3.09
N GLY A 1 16.26 -9.26 0.84
CA GLY A 1 16.70 -8.55 -0.37
C GLY A 1 15.54 -7.80 -1.01
N LYS A 2 15.86 -6.92 -1.96
CA LYS A 2 14.90 -6.00 -2.57
C LYS A 2 13.73 -6.78 -3.22
N PRO A 3 12.47 -6.51 -2.86
CA PRO A 3 11.33 -7.12 -3.52
C PRO A 3 11.10 -6.54 -4.90
N GLU A 4 10.11 -7.08 -5.59
CA GLU A 4 9.63 -6.58 -6.87
C GLU A 4 9.07 -5.15 -6.72
N HIS A 5 8.19 -4.95 -5.74
CA HIS A 5 7.45 -3.70 -5.53
C HIS A 5 7.59 -3.33 -4.04
N ILE A 6 7.35 -2.08 -3.68
CA ILE A 6 7.51 -1.55 -2.34
C ILE A 6 6.16 -0.96 -1.90
N PRO A 7 5.80 -1.01 -0.61
CA PRO A 7 4.55 -0.43 -0.12
C PRO A 7 4.62 1.10 -0.08
N ASP A 8 3.49 1.75 0.15
CA ASP A 8 3.39 3.21 0.16
C ASP A 8 3.28 3.68 1.61
N PRO A 9 4.31 4.34 2.18
CA PRO A 9 4.34 4.72 3.59
C PRO A 9 3.48 5.95 3.87
N ASP A 10 3.40 6.87 2.91
CA ASP A 10 2.66 8.13 3.06
C ASP A 10 1.16 7.86 2.99
N ALA A 11 0.73 6.94 2.11
CA ALA A 11 -0.65 6.51 2.00
C ALA A 11 -1.14 5.89 3.31
N LYS A 12 -1.88 6.67 4.09
CA LYS A 12 -2.69 6.25 5.23
C LYS A 12 -4.12 5.93 4.74
N LYS A 13 -4.96 5.32 5.57
CA LYS A 13 -6.39 5.09 5.31
C LYS A 13 -7.08 6.29 4.66
N PRO A 14 -8.11 6.08 3.82
CA PRO A 14 -9.02 7.15 3.44
C PRO A 14 -9.68 7.67 4.71
N GLU A 15 -9.78 8.98 4.81
CA GLU A 15 -10.55 9.62 5.87
C GLU A 15 -12.06 9.38 5.67
N ASP A 16 -12.40 8.95 4.47
CA ASP A 16 -13.75 8.74 3.93
C ASP A 16 -14.08 7.24 3.78
N TRP A 17 -13.30 6.35 4.40
CA TRP A 17 -13.42 4.90 4.36
C TRP A 17 -14.70 4.41 5.05
N ASP A 18 -15.18 3.22 4.64
CA ASP A 18 -16.27 2.50 5.29
C ASP A 18 -15.75 1.14 5.75
N GLU A 19 -15.11 1.08 6.91
CA GLU A 19 -14.63 -0.20 7.46
C GLU A 19 -15.81 -1.14 7.80
N GLU A 20 -17.02 -0.59 7.98
CA GLU A 20 -18.20 -1.38 8.28
C GLU A 20 -18.81 -1.99 7.01
N MET A 21 -18.35 -1.58 5.82
CA MET A 21 -18.85 -2.03 4.53
C MET A 21 -17.78 -2.87 3.85
N ASP A 22 -16.60 -2.29 3.68
CA ASP A 22 -15.48 -3.01 3.12
C ASP A 22 -14.85 -3.83 4.26
N GLY A 23 -14.04 -3.22 5.11
CA GLY A 23 -13.25 -3.94 6.11
C GLY A 23 -11.82 -3.41 6.17
N GLU A 24 -10.86 -4.32 6.23
CA GLU A 24 -9.44 -4.05 6.27
C GLU A 24 -9.00 -3.34 4.99
N TRP A 25 -8.69 -2.06 5.11
CA TRP A 25 -8.07 -1.31 4.04
C TRP A 25 -6.65 -1.83 3.83
N GLU A 26 -6.14 -1.69 2.60
CA GLU A 26 -4.74 -1.99 2.28
C GLU A 26 -4.18 -0.86 1.41
N PRO A 27 -3.05 -0.25 1.80
CA PRO A 27 -2.44 0.83 1.04
C PRO A 27 -1.96 0.40 -0.37
N PRO A 28 -1.67 1.39 -1.22
CA PRO A 28 -1.04 1.17 -2.51
C PRO A 28 0.42 0.76 -2.37
N VAL A 29 1.08 0.63 -3.50
CA VAL A 29 2.47 0.31 -3.63
C VAL A 29 3.15 1.36 -4.50
N ILE A 30 4.45 1.19 -4.70
CA ILE A 30 5.32 1.98 -5.55
C ILE A 30 6.20 0.97 -6.30
N GLN A 31 6.63 1.34 -7.51
CA GLN A 31 7.78 0.73 -8.17
C GLN A 31 8.97 0.88 -7.22
N ASN A 32 9.68 -0.21 -6.99
CA ASN A 32 10.83 -0.27 -6.10
C ASN A 32 12.04 0.42 -6.76
N PRO A 33 12.56 1.52 -6.20
CA PRO A 33 13.68 2.26 -6.76
C PRO A 33 15.02 1.50 -6.72
N GLU A 34 15.09 0.33 -6.10
CA GLU A 34 16.29 -0.51 -6.01
C GLU A 34 16.16 -1.76 -6.90
N TYR A 35 14.95 -2.18 -7.27
CA TYR A 35 14.72 -3.37 -8.09
C TYR A 35 15.06 -3.05 -9.56
N LYS A 36 15.08 -4.08 -10.43
CA LYS A 36 15.11 -3.92 -11.89
C LYS A 36 13.98 -4.72 -12.51
N GLY A 37 12.75 -4.29 -12.28
CA GLY A 37 11.68 -4.42 -13.25
C GLY A 37 11.76 -3.13 -14.00
N GLY A 1 16.81 -11.61 -1.76
CA GLY A 1 17.02 -10.22 -2.21
C GLY A 1 15.78 -9.38 -1.95
N LYS A 2 15.71 -8.24 -2.64
CA LYS A 2 14.67 -7.23 -2.50
C LYS A 2 13.44 -7.63 -3.33
N PRO A 3 12.23 -7.21 -2.94
CA PRO A 3 11.01 -7.58 -3.63
C PRO A 3 10.83 -6.80 -4.93
N GLU A 4 9.78 -7.20 -5.62
CA GLU A 4 9.31 -6.60 -6.86
C GLU A 4 8.82 -5.15 -6.65
N HIS A 5 8.04 -4.93 -5.60
CA HIS A 5 7.37 -3.68 -5.30
C HIS A 5 7.59 -3.30 -3.84
N ILE A 6 7.35 -2.03 -3.51
CA ILE A 6 7.43 -1.47 -2.17
C ILE A 6 6.08 -0.83 -1.88
N PRO A 7 5.61 -0.84 -0.63
CA PRO A 7 4.32 -0.24 -0.29
C PRO A 7 4.47 1.28 -0.20
N ASP A 8 3.36 1.98 0.00
CA ASP A 8 3.34 3.41 0.21
C ASP A 8 3.07 3.66 1.69
N PRO A 9 4.11 3.91 2.51
CA PRO A 9 3.97 4.11 3.95
C PRO A 9 3.49 5.52 4.28
N ASP A 10 3.63 6.46 3.34
CA ASP A 10 3.16 7.83 3.54
C ASP A 10 1.66 7.96 3.26
N ALA A 11 1.14 7.14 2.36
CA ALA A 11 -0.29 6.99 2.14
C ALA A 11 -0.99 6.62 3.45
N LYS A 12 -2.14 7.23 3.70
CA LYS A 12 -3.01 6.97 4.85
C LYS A 12 -4.45 6.81 4.40
N LYS A 13 -5.22 5.99 5.12
CA LYS A 13 -6.60 5.60 4.79
C LYS A 13 -7.58 6.79 4.64
N PRO A 14 -8.78 6.55 4.06
CA PRO A 14 -9.80 7.58 3.88
C PRO A 14 -10.42 8.06 5.18
N GLU A 15 -11.17 9.14 5.03
CA GLU A 15 -12.29 9.53 5.88
C GLU A 15 -13.52 8.69 5.50
N ASP A 16 -13.79 8.52 4.21
CA ASP A 16 -14.93 7.76 3.70
C ASP A 16 -14.53 6.30 3.48
N TRP A 17 -13.98 5.67 4.52
CA TRP A 17 -13.78 4.25 4.63
C TRP A 17 -14.94 3.63 5.39
N ASP A 18 -15.25 2.37 5.07
CA ASP A 18 -16.40 1.66 5.58
C ASP A 18 -15.92 0.29 6.03
N GLU A 19 -15.38 0.20 7.24
CA GLU A 19 -14.82 -1.06 7.73
C GLU A 19 -15.87 -2.17 7.80
N GLU A 20 -17.14 -1.81 7.97
CA GLU A 20 -18.24 -2.77 8.08
C GLU A 20 -18.72 -3.24 6.70
N MET A 21 -18.36 -2.51 5.65
CA MET A 21 -18.59 -2.90 4.26
C MET A 21 -17.38 -3.67 3.77
N ASP A 22 -16.24 -2.99 3.70
CA ASP A 22 -15.05 -3.49 3.03
C ASP A 22 -14.23 -4.35 3.98
N GLY A 23 -13.66 -3.75 5.05
CA GLY A 23 -12.79 -4.43 6.00
C GLY A 23 -11.52 -3.62 6.22
N GLU A 24 -10.38 -4.30 6.23
CA GLU A 24 -9.07 -3.68 6.28
C GLU A 24 -8.78 -3.00 4.95
N TRP A 25 -8.43 -1.72 5.02
CA TRP A 25 -7.82 -1.00 3.92
C TRP A 25 -6.42 -1.59 3.64
N GLU A 26 -5.88 -1.35 2.45
CA GLU A 26 -4.48 -1.50 2.16
C GLU A 26 -3.97 -0.21 1.51
N PRO A 27 -2.84 0.34 1.95
CA PRO A 27 -2.17 1.41 1.24
C PRO A 27 -1.69 0.95 -0.15
N PRO A 28 -1.44 1.89 -1.07
CA PRO A 28 -0.95 1.58 -2.41
C PRO A 28 0.49 1.12 -2.40
N VAL A 29 1.05 0.90 -3.59
CA VAL A 29 2.39 0.46 -3.81
C VAL A 29 3.11 1.40 -4.79
N ILE A 30 4.41 1.24 -4.85
CA ILE A 30 5.38 1.98 -5.61
C ILE A 30 6.27 0.92 -6.28
N GLN A 31 6.88 1.27 -7.41
CA GLN A 31 7.95 0.45 -7.97
C GLN A 31 9.09 0.43 -6.95
N ASN A 32 9.63 -0.75 -6.64
CA ASN A 32 10.81 -0.83 -5.80
C ASN A 32 11.99 -0.19 -6.55
N PRO A 33 12.60 0.90 -6.05
CA PRO A 33 13.70 1.57 -6.72
C PRO A 33 14.94 0.68 -6.91
N GLU A 34 15.14 -0.33 -6.07
CA GLU A 34 16.29 -1.22 -6.11
C GLU A 34 16.02 -2.43 -7.03
N TYR A 35 14.76 -2.74 -7.33
CA TYR A 35 14.38 -3.90 -8.10
C TYR A 35 14.80 -3.67 -9.55
N LYS A 36 15.90 -4.28 -9.98
CA LYS A 36 16.34 -4.24 -11.36
C LYS A 36 15.70 -5.37 -12.16
N GLY A 37 14.91 -6.26 -11.54
CA GLY A 37 14.17 -7.33 -12.20
C GLY A 37 14.72 -8.65 -11.71
N GLY A 1 16.10 -10.24 0.41
CA GLY A 1 16.36 -9.18 -0.56
C GLY A 1 15.33 -8.09 -0.40
N LYS A 2 14.76 -7.59 -1.50
CA LYS A 2 13.60 -6.72 -1.50
C LYS A 2 12.66 -7.20 -2.62
N PRO A 3 11.33 -7.09 -2.49
CA PRO A 3 10.39 -7.54 -3.51
C PRO A 3 10.45 -6.68 -4.77
N GLU A 4 9.72 -7.09 -5.81
CA GLU A 4 9.53 -6.34 -7.07
C GLU A 4 8.94 -4.95 -6.80
N HIS A 5 8.13 -4.83 -5.74
CA HIS A 5 7.42 -3.62 -5.35
C HIS A 5 7.72 -3.33 -3.88
N ILE A 6 7.31 -2.16 -3.42
CA ILE A 6 7.44 -1.66 -2.05
C ILE A 6 6.02 -1.16 -1.68
N PRO A 7 5.60 -1.15 -0.40
CA PRO A 7 4.29 -0.60 -0.02
C PRO A 7 4.35 0.93 -0.04
N ASP A 8 3.23 1.59 0.21
CA ASP A 8 3.18 3.03 0.36
C ASP A 8 2.91 3.37 1.83
N PRO A 9 3.96 3.48 2.67
CA PRO A 9 3.82 3.74 4.09
C PRO A 9 3.37 5.18 4.35
N ASP A 10 3.51 6.04 3.34
CA ASP A 10 3.13 7.45 3.42
C ASP A 10 1.63 7.67 3.14
N ALA A 11 0.93 6.64 2.67
CA ALA A 11 -0.48 6.66 2.37
C ALA A 11 -1.35 6.78 3.63
N LYS A 12 -2.60 7.19 3.48
CA LYS A 12 -3.59 7.25 4.56
C LYS A 12 -4.93 6.72 4.08
N LYS A 13 -5.61 5.92 4.90
CA LYS A 13 -6.96 5.43 4.63
C LYS A 13 -7.94 6.56 4.25
N PRO A 14 -9.00 6.25 3.49
CA PRO A 14 -10.00 7.23 3.12
C PRO A 14 -10.77 7.75 4.33
N GLU A 15 -11.16 9.02 4.29
CA GLU A 15 -12.08 9.63 5.24
C GLU A 15 -13.52 9.13 5.03
N ASP A 16 -13.79 8.44 3.90
CA ASP A 16 -15.05 7.85 3.50
C ASP A 16 -14.85 6.33 3.37
N TRP A 17 -13.90 5.75 4.12
CA TRP A 17 -13.76 4.31 4.28
C TRP A 17 -14.91 3.80 5.14
N ASP A 18 -15.38 2.58 4.84
CA ASP A 18 -16.62 2.06 5.37
C ASP A 18 -16.33 0.67 5.93
N GLU A 19 -15.78 0.60 7.15
CA GLU A 19 -15.25 -0.63 7.71
C GLU A 19 -16.32 -1.72 7.84
N GLU A 20 -17.57 -1.33 8.13
CA GLU A 20 -18.69 -2.26 8.26
C GLU A 20 -19.13 -2.83 6.91
N MET A 21 -18.56 -2.34 5.82
CA MET A 21 -18.86 -2.71 4.44
C MET A 21 -17.66 -3.34 3.75
N ASP A 22 -16.44 -2.88 4.04
CA ASP A 22 -15.26 -3.22 3.24
C ASP A 22 -14.11 -3.81 4.08
N GLY A 23 -14.10 -3.59 5.39
CA GLY A 23 -13.17 -4.24 6.32
C GLY A 23 -11.98 -3.35 6.67
N GLU A 24 -10.82 -3.96 6.84
CA GLU A 24 -9.55 -3.28 7.03
C GLU A 24 -9.21 -2.58 5.72
N TRP A 25 -8.80 -1.32 5.79
CA TRP A 25 -8.18 -0.70 4.63
C TRP A 25 -6.77 -1.27 4.47
N GLU A 26 -6.36 -1.50 3.22
CA GLU A 26 -5.00 -1.90 2.88
C GLU A 26 -4.42 -0.81 1.99
N PRO A 27 -3.20 -0.32 2.25
CA PRO A 27 -2.63 0.74 1.45
C PRO A 27 -2.17 0.28 0.06
N PRO A 28 -1.88 1.24 -0.83
CA PRO A 28 -1.27 0.98 -2.12
C PRO A 28 0.22 0.65 -2.00
N VAL A 29 0.87 0.53 -3.16
CA VAL A 29 2.26 0.21 -3.34
C VAL A 29 2.93 1.25 -4.23
N ILE A 30 4.22 1.06 -4.50
CA ILE A 30 5.09 1.91 -5.28
C ILE A 30 6.05 0.99 -6.06
N GLN A 31 6.51 1.43 -7.22
CA GLN A 31 7.52 0.74 -8.03
C GLN A 31 8.84 0.82 -7.26
N ASN A 32 9.37 -0.34 -6.85
CA ASN A 32 10.62 -0.43 -6.10
C ASN A 32 11.73 0.23 -6.93
N PRO A 33 12.38 1.30 -6.44
CA PRO A 33 13.32 2.07 -7.23
C PRO A 33 14.53 1.25 -7.67
N GLU A 34 15.01 0.32 -6.84
CA GLU A 34 16.13 -0.57 -7.12
C GLU A 34 15.79 -1.90 -6.45
N TYR A 35 14.82 -2.57 -7.06
CA TYR A 35 14.37 -3.88 -6.62
C TYR A 35 15.52 -4.87 -6.67
N LYS A 36 15.69 -5.60 -5.56
CA LYS A 36 16.57 -6.74 -5.41
C LYS A 36 17.96 -6.52 -6.00
N GLY A 37 18.64 -5.47 -5.54
CA GLY A 37 20.07 -5.37 -5.70
C GLY A 37 20.72 -6.47 -4.87
N GLY A 1 15.60 -9.30 1.79
CA GLY A 1 15.76 -8.70 0.46
C GLY A 1 14.74 -7.59 0.27
N LYS A 2 14.63 -7.03 -0.95
CA LYS A 2 13.60 -6.08 -1.29
C LYS A 2 12.75 -6.65 -2.44
N PRO A 3 11.43 -6.79 -2.24
CA PRO A 3 10.52 -7.52 -3.12
C PRO A 3 10.25 -6.80 -4.43
N GLU A 4 9.46 -7.45 -5.27
CA GLU A 4 9.10 -6.98 -6.60
C GLU A 4 8.43 -5.60 -6.55
N HIS A 5 7.63 -5.32 -5.50
CA HIS A 5 6.89 -4.06 -5.34
C HIS A 5 6.96 -3.64 -3.88
N ILE A 6 7.07 -2.35 -3.61
CA ILE A 6 7.19 -1.78 -2.27
C ILE A 6 5.82 -1.21 -1.90
N PRO A 7 5.38 -1.23 -0.63
CA PRO A 7 4.15 -0.57 -0.23
C PRO A 7 4.41 0.89 0.12
N ASP A 8 3.36 1.69 0.04
CA ASP A 8 3.48 3.15 0.10
C ASP A 8 3.55 3.59 1.57
N PRO A 9 4.67 4.19 2.04
CA PRO A 9 4.79 4.57 3.43
C PRO A 9 3.98 5.83 3.77
N ASP A 10 3.77 6.75 2.82
CA ASP A 10 3.17 8.05 3.07
C ASP A 10 1.64 8.00 2.90
N ALA A 11 1.13 6.97 2.23
CA ALA A 11 -0.31 6.71 2.16
C ALA A 11 -0.87 6.39 3.55
N LYS A 12 -2.15 6.71 3.76
CA LYS A 12 -2.92 6.45 4.98
C LYS A 12 -4.35 6.11 4.58
N LYS A 13 -5.09 5.35 5.40
CA LYS A 13 -6.49 5.06 5.08
C LYS A 13 -7.33 6.32 4.82
N PRO A 14 -8.42 6.20 4.02
CA PRO A 14 -9.36 7.29 3.85
C PRO A 14 -10.02 7.65 5.17
N GLU A 15 -10.61 8.84 5.19
CA GLU A 15 -11.50 9.22 6.25
C GLU A 15 -12.92 8.69 5.99
N ASP A 16 -13.30 8.64 4.70
CA ASP A 16 -14.64 8.23 4.24
C ASP A 16 -14.83 6.72 4.23
N TRP A 17 -13.83 5.97 4.70
CA TRP A 17 -13.74 4.53 4.61
C TRP A 17 -14.86 3.86 5.40
N ASP A 18 -15.28 2.68 4.93
CA ASP A 18 -16.52 2.03 5.34
C ASP A 18 -16.16 0.68 5.94
N GLU A 19 -15.60 0.61 7.16
CA GLU A 19 -15.18 -0.68 7.73
C GLU A 19 -16.35 -1.63 8.01
N GLU A 20 -17.62 -1.18 7.98
CA GLU A 20 -18.80 -2.03 8.13
C GLU A 20 -19.20 -2.62 6.75
N MET A 21 -18.62 -2.12 5.66
CA MET A 21 -18.84 -2.55 4.28
C MET A 21 -17.60 -3.29 3.77
N ASP A 22 -16.48 -2.58 3.67
CA ASP A 22 -15.31 -3.00 2.91
C ASP A 22 -14.39 -3.87 3.77
N GLY A 23 -14.02 -3.41 4.97
CA GLY A 23 -13.17 -4.14 5.91
C GLY A 23 -11.85 -3.41 6.16
N GLU A 24 -10.78 -4.13 6.50
CA GLU A 24 -9.44 -3.58 6.60
C GLU A 24 -9.04 -3.00 5.24
N TRP A 25 -8.70 -1.72 5.21
CA TRP A 25 -8.02 -1.07 4.10
C TRP A 25 -6.61 -1.64 3.95
N GLU A 26 -5.94 -1.34 2.83
CA GLU A 26 -4.53 -1.63 2.62
C GLU A 26 -3.90 -0.41 1.92
N PRO A 27 -2.62 -0.10 2.16
CA PRO A 27 -1.96 0.96 1.41
C PRO A 27 -1.77 0.56 -0.06
N PRO A 28 -1.43 1.52 -0.93
CA PRO A 28 -0.95 1.24 -2.27
C PRO A 28 0.33 0.43 -2.26
N VAL A 29 0.84 0.16 -3.46
CA VAL A 29 2.22 -0.09 -3.70
C VAL A 29 2.78 0.95 -4.66
N ILE A 30 4.09 0.96 -4.73
CA ILE A 30 4.93 1.94 -5.38
C ILE A 30 6.01 1.08 -6.06
N GLN A 31 6.32 1.40 -7.32
CA GLN A 31 7.31 0.64 -8.06
C GLN A 31 8.61 0.64 -7.28
N ASN A 32 9.18 -0.55 -7.04
CA ASN A 32 10.42 -0.66 -6.30
C ASN A 32 11.49 0.11 -7.08
N PRO A 33 12.17 1.11 -6.50
CA PRO A 33 13.11 1.92 -7.25
C PRO A 33 14.35 1.16 -7.68
N GLU A 34 14.64 -0.01 -7.09
CA GLU A 34 15.85 -0.80 -7.32
C GLU A 34 15.65 -2.30 -7.00
N TYR A 35 14.57 -2.95 -7.48
CA TYR A 35 14.16 -4.32 -7.17
C TYR A 35 15.34 -5.30 -7.27
N LYS A 36 15.50 -6.17 -6.27
CA LYS A 36 16.60 -7.12 -6.20
C LYS A 36 16.16 -8.54 -5.78
N GLY A 37 15.05 -8.68 -5.04
CA GLY A 37 14.73 -9.88 -4.29
C GLY A 37 14.94 -9.57 -2.83
N GLY A 1 15.93 -9.22 0.87
CA GLY A 1 16.61 -8.03 0.38
C GLY A 1 15.59 -7.09 -0.21
N LYS A 2 15.80 -6.69 -1.46
CA LYS A 2 14.90 -5.82 -2.18
C LYS A 2 13.73 -6.65 -2.73
N PRO A 3 12.48 -6.25 -2.47
CA PRO A 3 11.29 -6.97 -2.91
C PRO A 3 10.96 -6.67 -4.36
N GLU A 4 9.87 -7.26 -4.82
CA GLU A 4 9.15 -6.89 -6.03
C GLU A 4 8.55 -5.48 -5.90
N HIS A 5 7.74 -5.24 -4.86
CA HIS A 5 7.05 -3.98 -4.64
C HIS A 5 7.37 -3.46 -3.25
N ILE A 6 7.43 -2.14 -3.12
CA ILE A 6 7.68 -1.41 -1.88
C ILE A 6 6.35 -0.74 -1.55
N PRO A 7 5.95 -0.62 -0.27
CA PRO A 7 4.64 -0.07 0.03
C PRO A 7 4.68 1.45 -0.04
N ASP A 8 3.51 2.07 -0.07
CA ASP A 8 3.33 3.52 -0.14
C ASP A 8 3.24 4.06 1.29
N PRO A 9 4.25 4.78 1.80
CA PRO A 9 4.26 5.30 3.16
C PRO A 9 3.55 6.66 3.26
N ASP A 10 3.22 7.31 2.13
CA ASP A 10 2.43 8.53 2.13
C ASP A 10 0.95 8.20 2.30
N ALA A 11 0.56 6.94 2.13
CA ALA A 11 -0.83 6.55 2.13
C ALA A 11 -1.42 6.63 3.53
N LYS A 12 -2.63 7.20 3.64
CA LYS A 12 -3.46 7.16 4.83
C LYS A 12 -4.86 6.75 4.43
N LYS A 13 -5.47 5.84 5.20
CA LYS A 13 -6.81 5.33 4.93
C LYS A 13 -7.78 6.48 4.66
N PRO A 14 -8.77 6.29 3.77
CA PRO A 14 -9.74 7.31 3.46
C PRO A 14 -10.45 7.75 4.74
N GLU A 15 -10.61 9.04 4.93
CA GLU A 15 -11.40 9.63 6.02
C GLU A 15 -12.88 9.26 5.93
N ASP A 16 -13.30 8.55 4.88
CA ASP A 16 -14.66 8.10 4.62
C ASP A 16 -14.79 6.57 4.67
N TRP A 17 -13.67 5.85 4.82
CA TRP A 17 -13.55 4.41 4.61
C TRP A 17 -14.59 3.62 5.39
N ASP A 18 -15.11 2.58 4.73
CA ASP A 18 -16.33 1.91 5.15
C ASP A 18 -15.97 0.48 5.54
N GLU A 19 -15.45 0.31 6.76
CA GLU A 19 -15.02 -0.98 7.28
C GLU A 19 -16.21 -1.95 7.44
N GLU A 20 -17.44 -1.46 7.40
CA GLU A 20 -18.67 -2.24 7.44
C GLU A 20 -19.12 -2.69 6.03
N MET A 21 -18.40 -2.29 5.00
CA MET A 21 -18.67 -2.57 3.59
C MET A 21 -17.47 -3.21 2.89
N ASP A 22 -16.26 -2.92 3.36
CA ASP A 22 -15.03 -3.37 2.75
C ASP A 22 -14.33 -4.31 3.72
N GLY A 23 -13.71 -3.76 4.77
CA GLY A 23 -12.87 -4.46 5.72
C GLY A 23 -11.67 -3.59 6.07
N GLU A 24 -10.58 -4.22 6.52
CA GLU A 24 -9.31 -3.58 6.77
C GLU A 24 -8.76 -3.01 5.46
N TRP A 25 -8.62 -1.69 5.40
CA TRP A 25 -7.95 -0.99 4.33
C TRP A 25 -6.52 -1.52 4.16
N GLU A 26 -5.99 -1.53 2.93
CA GLU A 26 -4.57 -1.77 2.64
C GLU A 26 -4.01 -0.44 2.10
N PRO A 27 -2.75 -0.08 2.39
CA PRO A 27 -2.11 0.94 1.59
C PRO A 27 -1.72 0.37 0.22
N PRO A 28 -1.54 1.25 -0.78
CA PRO A 28 -0.96 0.86 -2.07
C PRO A 28 0.52 0.46 -1.97
N VAL A 29 1.13 0.20 -3.12
CA VAL A 29 2.54 -0.03 -3.31
C VAL A 29 3.08 0.83 -4.44
N ILE A 30 4.39 0.78 -4.64
CA ILE A 30 5.15 1.49 -5.64
C ILE A 30 6.01 0.44 -6.33
N GLN A 31 6.35 0.68 -7.58
CA GLN A 31 7.41 -0.03 -8.29
C GLN A 31 8.67 0.14 -7.45
N ASN A 32 9.31 -0.97 -7.08
CA ASN A 32 10.49 -0.87 -6.23
C ASN A 32 11.59 -0.16 -7.06
N PRO A 33 12.14 0.98 -6.59
CA PRO A 33 13.17 1.72 -7.31
C PRO A 33 14.49 0.97 -7.48
N GLU A 34 14.67 -0.21 -6.89
CA GLU A 34 15.60 -1.21 -7.33
C GLU A 34 15.02 -2.55 -6.87
N TYR A 35 14.05 -3.06 -7.62
CA TYR A 35 13.77 -4.49 -7.64
C TYR A 35 14.96 -5.20 -8.27
N LYS A 36 15.17 -6.47 -7.94
CA LYS A 36 16.22 -7.30 -8.51
C LYS A 36 15.65 -8.67 -8.85
N GLY A 37 15.58 -9.60 -7.90
CA GLY A 37 15.21 -10.98 -8.10
C GLY A 37 15.60 -11.76 -6.87
N GLY A 1 17.87 -7.82 0.33
CA GLY A 1 17.29 -7.55 -0.99
C GLY A 1 15.83 -7.20 -0.84
N LYS A 2 15.38 -6.14 -1.52
CA LYS A 2 13.98 -5.72 -1.50
C LYS A 2 13.14 -6.63 -2.41
N PRO A 3 11.83 -6.74 -2.12
CA PRO A 3 10.88 -7.40 -2.98
C PRO A 3 10.68 -6.67 -4.31
N GLU A 4 9.93 -7.35 -5.17
CA GLU A 4 9.43 -6.99 -6.49
C GLU A 4 8.79 -5.60 -6.53
N HIS A 5 8.07 -5.18 -5.49
CA HIS A 5 7.47 -3.85 -5.40
C HIS A 5 7.65 -3.36 -3.95
N ILE A 6 7.29 -2.12 -3.65
CA ILE A 6 7.47 -1.51 -2.33
C ILE A 6 6.11 -0.94 -1.89
N PRO A 7 5.76 -0.89 -0.59
CA PRO A 7 4.47 -0.38 -0.16
C PRO A 7 4.47 1.14 0.01
N ASP A 8 3.28 1.73 0.17
CA ASP A 8 3.09 3.17 0.24
C ASP A 8 2.77 3.60 1.69
N PRO A 9 3.69 4.30 2.39
CA PRO A 9 3.49 4.79 3.76
C PRO A 9 2.87 6.19 3.80
N ASP A 10 2.90 6.93 2.69
CA ASP A 10 2.22 8.24 2.62
C ASP A 10 0.73 8.01 2.77
N ALA A 11 0.22 7.09 1.95
CA ALA A 11 -1.18 6.75 1.85
C ALA A 11 -1.77 6.40 3.21
N LYS A 12 -3.01 6.83 3.45
CA LYS A 12 -3.80 6.46 4.61
C LYS A 12 -5.20 6.07 4.18
N LYS A 13 -5.89 5.33 5.05
CA LYS A 13 -7.33 5.12 5.01
C LYS A 13 -8.04 6.39 4.56
N PRO A 14 -8.89 6.35 3.53
CA PRO A 14 -9.67 7.50 3.13
C PRO A 14 -10.48 8.08 4.29
N GLU A 15 -10.65 9.40 4.27
CA GLU A 15 -11.62 10.09 5.10
C GLU A 15 -13.07 9.70 4.74
N ASP A 16 -13.26 9.11 3.57
CA ASP A 16 -14.51 8.58 3.05
C ASP A 16 -14.55 7.05 3.22
N TRP A 17 -13.58 6.45 3.92
CA TRP A 17 -13.52 5.01 4.16
C TRP A 17 -14.61 4.54 5.11
N ASP A 18 -14.99 3.27 4.94
CA ASP A 18 -16.13 2.64 5.55
C ASP A 18 -15.68 1.29 6.10
N GLU A 19 -15.09 1.25 7.30
CA GLU A 19 -14.68 -0.02 7.90
C GLU A 19 -15.89 -0.95 8.12
N GLU A 20 -17.08 -0.36 8.27
CA GLU A 20 -18.32 -1.05 8.59
C GLU A 20 -18.99 -1.66 7.34
N MET A 21 -18.53 -1.28 6.15
CA MET A 21 -18.97 -1.85 4.87
C MET A 21 -17.86 -2.68 4.25
N ASP A 22 -16.63 -2.19 4.34
CA ASP A 22 -15.48 -2.79 3.69
C ASP A 22 -14.62 -3.48 4.74
N GLY A 23 -13.88 -2.73 5.57
CA GLY A 23 -13.05 -3.30 6.62
C GLY A 23 -11.63 -2.77 6.53
N GLU A 24 -10.64 -3.67 6.65
CA GLU A 24 -9.24 -3.40 6.54
C GLU A 24 -8.88 -3.10 5.09
N TRP A 25 -8.84 -1.80 4.82
CA TRP A 25 -8.11 -1.18 3.74
C TRP A 25 -6.66 -1.66 3.72
N GLU A 26 -6.05 -1.73 2.53
CA GLU A 26 -4.62 -1.85 2.32
C GLU A 26 -4.18 -0.65 1.46
N PRO A 27 -3.06 0.02 1.84
CA PRO A 27 -2.49 1.09 1.04
C PRO A 27 -2.06 0.58 -0.34
N PRO A 28 -1.83 1.49 -1.29
CA PRO A 28 -1.18 1.12 -2.54
C PRO A 28 0.28 0.71 -2.33
N VAL A 29 0.93 0.48 -3.46
CA VAL A 29 2.33 0.18 -3.57
C VAL A 29 2.96 1.21 -4.51
N ILE A 30 4.25 1.03 -4.76
CA ILE A 30 5.08 1.84 -5.62
C ILE A 30 5.92 0.82 -6.41
N GLN A 31 6.30 1.17 -7.64
CA GLN A 31 7.31 0.42 -8.39
C GLN A 31 8.61 0.48 -7.58
N ASN A 32 9.36 -0.61 -7.52
CA ASN A 32 10.57 -0.61 -6.73
C ASN A 32 11.67 0.08 -7.54
N PRO A 33 12.26 1.18 -7.05
CA PRO A 33 13.35 1.84 -7.76
C PRO A 33 14.58 0.92 -7.92
N GLU A 34 14.81 -0.01 -7.00
CA GLU A 34 16.01 -0.84 -6.87
C GLU A 34 15.57 -2.27 -6.52
N TYR A 35 14.68 -2.84 -7.34
CA TYR A 35 14.29 -4.24 -7.22
C TYR A 35 15.53 -5.12 -7.27
N LYS A 36 15.70 -5.92 -6.21
CA LYS A 36 16.70 -6.96 -6.09
C LYS A 36 18.14 -6.46 -6.22
N GLY A 37 18.38 -5.18 -5.95
CA GLY A 37 19.75 -4.70 -5.79
C GLY A 37 20.43 -5.42 -4.63
N GLY A 1 14.03 -9.57 1.92
CA GLY A 1 14.80 -8.45 1.35
C GLY A 1 13.84 -7.39 0.89
N LYS A 2 13.95 -6.89 -0.34
CA LYS A 2 12.97 -6.03 -0.95
C LYS A 2 12.36 -6.78 -2.15
N PRO A 3 11.04 -7.05 -2.14
CA PRO A 3 10.36 -7.75 -3.21
C PRO A 3 10.27 -6.89 -4.47
N GLU A 4 9.60 -7.41 -5.50
CA GLU A 4 9.37 -6.75 -6.77
C GLU A 4 8.64 -5.41 -6.61
N HIS A 5 7.85 -5.24 -5.54
CA HIS A 5 7.14 -4.01 -5.26
C HIS A 5 7.41 -3.55 -3.84
N ILE A 6 7.24 -2.25 -3.61
CA ILE A 6 7.35 -1.57 -2.34
C ILE A 6 5.97 -0.97 -2.09
N PRO A 7 5.47 -0.93 -0.85
CA PRO A 7 4.16 -0.34 -0.59
C PRO A 7 4.30 1.18 -0.67
N ASP A 8 3.17 1.87 -0.67
CA ASP A 8 3.16 3.30 -0.43
C ASP A 8 3.10 3.50 1.09
N PRO A 9 4.18 3.99 1.74
CA PRO A 9 4.19 4.21 3.18
C PRO A 9 3.50 5.53 3.54
N ASP A 10 3.49 6.50 2.63
CA ASP A 10 2.87 7.81 2.81
C ASP A 10 1.35 7.69 2.85
N ALA A 11 0.80 6.76 2.07
CA ALA A 11 -0.62 6.46 1.97
C ALA A 11 -1.32 6.31 3.33
N LYS A 12 -2.57 6.77 3.42
CA LYS A 12 -3.46 6.48 4.55
C LYS A 12 -4.83 6.14 4.01
N LYS A 13 -5.56 5.28 4.71
CA LYS A 13 -6.96 4.99 4.40
C LYS A 13 -7.78 6.28 4.25
N PRO A 14 -8.86 6.26 3.44
CA PRO A 14 -9.74 7.42 3.27
C PRO A 14 -10.36 7.88 4.60
N GLU A 15 -10.70 9.17 4.69
CA GLU A 15 -11.46 9.74 5.80
C GLU A 15 -12.94 9.33 5.69
N ASP A 16 -13.37 8.98 4.47
CA ASP A 16 -14.70 8.57 4.02
C ASP A 16 -14.77 7.06 3.80
N TRP A 17 -13.81 6.29 4.31
CA TRP A 17 -13.78 4.83 4.31
C TRP A 17 -14.97 4.25 5.10
N ASP A 18 -15.30 2.97 4.89
CA ASP A 18 -16.37 2.24 5.57
C ASP A 18 -15.81 0.95 6.17
N GLU A 19 -15.37 1.02 7.42
CA GLU A 19 -14.78 -0.12 8.13
C GLU A 19 -15.80 -1.23 8.44
N GLU A 20 -17.09 -1.00 8.21
CA GLU A 20 -18.18 -1.94 8.46
C GLU A 20 -18.65 -2.59 7.15
N MET A 21 -18.40 -1.95 6.00
CA MET A 21 -18.79 -2.43 4.69
C MET A 21 -17.59 -3.08 4.04
N ASP A 22 -16.54 -2.29 3.82
CA ASP A 22 -15.38 -2.67 3.00
C ASP A 22 -14.29 -3.27 3.88
N GLY A 23 -14.17 -2.83 5.13
CA GLY A 23 -13.42 -3.53 6.17
C GLY A 23 -11.96 -3.10 6.26
N GLU A 24 -11.04 -4.07 6.30
CA GLU A 24 -9.61 -3.85 6.34
C GLU A 24 -9.16 -3.31 4.98
N TRP A 25 -8.82 -2.02 4.92
CA TRP A 25 -8.21 -1.35 3.76
C TRP A 25 -6.80 -1.92 3.48
N GLU A 26 -6.17 -1.58 2.35
CA GLU A 26 -4.74 -1.78 2.15
C GLU A 26 -4.20 -0.72 1.18
N PRO A 27 -3.04 -0.12 1.46
CA PRO A 27 -2.45 0.92 0.62
C PRO A 27 -1.99 0.39 -0.74
N PRO A 28 -1.72 1.30 -1.70
CA PRO A 28 -1.13 0.92 -2.97
C PRO A 28 0.34 0.53 -2.83
N VAL A 29 0.97 0.26 -3.97
CA VAL A 29 2.39 0.08 -4.12
C VAL A 29 2.97 1.13 -5.04
N ILE A 30 4.30 1.11 -5.09
CA ILE A 30 5.18 2.00 -5.80
C ILE A 30 6.22 1.09 -6.44
N GLN A 31 6.62 1.38 -7.68
CA GLN A 31 7.59 0.54 -8.38
C GLN A 31 8.91 0.61 -7.61
N ASN A 32 9.46 -0.54 -7.24
CA ASN A 32 10.62 -0.62 -6.38
C ASN A 32 11.83 -0.01 -7.08
N PRO A 33 12.42 1.08 -6.57
CA PRO A 33 13.51 1.78 -7.22
C PRO A 33 14.85 1.02 -7.18
N GLU A 34 14.95 -0.07 -6.43
CA GLU A 34 16.10 -0.96 -6.39
C GLU A 34 15.68 -2.40 -6.08
N TYR A 35 14.66 -2.94 -6.77
CA TYR A 35 14.28 -4.35 -6.62
C TYR A 35 15.50 -5.24 -6.83
N LYS A 36 15.75 -6.14 -5.88
CA LYS A 36 16.93 -6.98 -5.79
C LYS A 36 16.50 -8.37 -5.32
N GLY A 37 15.87 -8.45 -4.15
CA GLY A 37 15.60 -9.67 -3.42
C GLY A 37 15.85 -9.38 -1.95
N GLY A 1 17.23 -7.63 0.48
CA GLY A 1 17.52 -7.73 -0.95
C GLY A 1 16.37 -7.09 -1.70
N LYS A 2 16.66 -6.26 -2.70
CA LYS A 2 15.64 -5.41 -3.32
C LYS A 2 14.41 -6.20 -3.79
N PRO A 3 13.22 -5.96 -3.21
CA PRO A 3 12.04 -6.73 -3.53
C PRO A 3 11.39 -6.30 -4.84
N GLU A 4 10.48 -7.14 -5.30
CA GLU A 4 9.78 -7.03 -6.57
C GLU A 4 8.91 -5.77 -6.64
N HIS A 5 8.36 -5.32 -5.52
CA HIS A 5 7.69 -4.02 -5.34
C HIS A 5 8.02 -3.53 -3.93
N ILE A 6 7.78 -2.26 -3.64
CA ILE A 6 7.95 -1.66 -2.33
C ILE A 6 6.55 -1.17 -1.90
N PRO A 7 6.21 -1.10 -0.60
CA PRO A 7 4.88 -0.67 -0.20
C PRO A 7 4.79 0.86 -0.19
N ASP A 8 3.55 1.33 -0.11
CA ASP A 8 3.22 2.71 0.20
C ASP A 8 3.14 2.81 1.74
N PRO A 9 4.04 3.55 2.40
CA PRO A 9 4.01 3.77 3.84
C PRO A 9 3.23 5.02 4.25
N ASP A 10 2.96 5.90 3.30
CA ASP A 10 2.72 7.34 3.52
C ASP A 10 1.30 7.74 3.16
N ALA A 11 0.61 6.90 2.38
CA ALA A 11 -0.81 6.90 2.16
C ALA A 11 -1.54 6.65 3.48
N LYS A 12 -2.79 7.06 3.57
CA LYS A 12 -3.63 6.85 4.75
C LYS A 12 -4.97 6.28 4.31
N LYS A 13 -5.56 5.41 5.14
CA LYS A 13 -6.94 5.01 4.96
C LYS A 13 -7.81 6.25 4.77
N PRO A 14 -8.90 6.16 4.00
CA PRO A 14 -9.81 7.27 3.86
C PRO A 14 -10.35 7.66 5.24
N GLU A 15 -10.65 8.94 5.41
CA GLU A 15 -11.59 9.41 6.42
C GLU A 15 -12.93 8.69 6.19
N ASP A 16 -13.31 8.54 4.92
CA ASP A 16 -14.60 8.09 4.40
C ASP A 16 -14.66 6.55 4.29
N TRP A 17 -13.78 5.86 5.01
CA TRP A 17 -13.61 4.42 5.02
C TRP A 17 -14.66 3.75 5.90
N ASP A 18 -15.56 3.01 5.26
CA ASP A 18 -16.68 2.34 5.86
C ASP A 18 -16.26 0.89 6.11
N GLU A 19 -15.72 0.64 7.31
CA GLU A 19 -15.13 -0.64 7.68
C GLU A 19 -16.15 -1.78 7.64
N GLU A 20 -17.40 -1.50 7.99
CA GLU A 20 -18.45 -2.49 8.03
C GLU A 20 -18.82 -2.95 6.61
N MET A 21 -18.51 -2.12 5.61
CA MET A 21 -18.84 -2.34 4.21
C MET A 21 -17.66 -2.98 3.51
N ASP A 22 -16.47 -2.37 3.65
CA ASP A 22 -15.29 -2.74 2.89
C ASP A 22 -14.52 -3.85 3.58
N GLY A 23 -13.96 -3.60 4.77
CA GLY A 23 -13.08 -4.54 5.46
C GLY A 23 -11.79 -3.86 5.92
N GLU A 24 -10.70 -4.63 6.02
CA GLU A 24 -9.36 -4.13 6.31
C GLU A 24 -8.87 -3.28 5.14
N TRP A 25 -8.48 -2.03 5.39
CA TRP A 25 -7.79 -1.22 4.41
C TRP A 25 -6.37 -1.77 4.22
N GLU A 26 -6.01 -2.14 3.00
CA GLU A 26 -4.61 -2.23 2.57
C GLU A 26 -4.21 -0.84 2.02
N PRO A 27 -2.95 -0.42 2.14
CA PRO A 27 -2.40 0.64 1.30
C PRO A 27 -1.91 0.09 -0.05
N PRO A 28 -1.62 0.97 -1.02
CA PRO A 28 -1.02 0.62 -2.31
C PRO A 28 0.48 0.29 -2.19
N VAL A 29 1.16 0.22 -3.33
CA VAL A 29 2.58 0.00 -3.47
C VAL A 29 3.23 1.10 -4.31
N ILE A 30 4.55 1.03 -4.47
CA ILE A 30 5.37 1.92 -5.28
C ILE A 30 6.33 1.01 -6.08
N GLN A 31 6.59 1.35 -7.34
CA GLN A 31 7.57 0.65 -8.15
C GLN A 31 8.93 0.84 -7.53
N ASN A 32 9.54 -0.26 -7.08
CA ASN A 32 10.83 -0.27 -6.41
C ASN A 32 11.84 0.46 -7.30
N PRO A 33 12.43 1.59 -6.85
CA PRO A 33 13.37 2.37 -7.65
C PRO A 33 14.65 1.59 -8.01
N GLU A 34 14.88 0.41 -7.43
CA GLU A 34 16.08 -0.39 -7.59
C GLU A 34 15.78 -1.76 -8.22
N TYR A 35 14.52 -2.20 -8.30
CA TYR A 35 14.23 -3.52 -8.87
C TYR A 35 14.31 -3.37 -10.40
N LYS A 36 15.48 -3.68 -10.96
CA LYS A 36 15.91 -3.34 -12.31
C LYS A 36 15.97 -1.84 -12.61
N GLY A 37 15.64 -0.97 -11.65
CA GLY A 37 15.75 0.47 -11.77
C GLY A 37 17.19 0.89 -11.61
N GLY A 1 15.94 -10.19 -0.26
CA GLY A 1 16.58 -9.30 -1.24
C GLY A 1 15.54 -8.41 -1.90
N LYS A 2 15.98 -7.43 -2.71
CA LYS A 2 15.09 -6.41 -3.27
C LYS A 2 13.81 -7.00 -3.86
N PRO A 3 12.62 -6.70 -3.28
CA PRO A 3 11.36 -7.19 -3.79
C PRO A 3 11.01 -6.52 -5.11
N GLU A 4 10.04 -7.13 -5.78
CA GLU A 4 9.35 -6.68 -6.98
C GLU A 4 8.76 -5.26 -6.85
N HIS A 5 8.27 -4.89 -5.67
CA HIS A 5 7.62 -3.63 -5.37
C HIS A 5 8.05 -3.20 -3.97
N ILE A 6 7.74 -1.96 -3.60
CA ILE A 6 7.90 -1.42 -2.26
C ILE A 6 6.51 -0.92 -1.85
N PRO A 7 6.12 -1.01 -0.57
CA PRO A 7 4.82 -0.53 -0.15
C PRO A 7 4.83 1.00 -0.04
N ASP A 8 3.65 1.59 0.10
CA ASP A 8 3.52 3.05 0.19
C ASP A 8 3.38 3.45 1.67
N PRO A 9 4.42 4.06 2.28
CA PRO A 9 4.39 4.47 3.68
C PRO A 9 3.68 5.83 3.87
N ASP A 10 3.41 6.54 2.77
CA ASP A 10 2.89 7.90 2.79
C ASP A 10 1.37 7.92 2.69
N ALA A 11 0.79 7.01 1.90
CA ALA A 11 -0.64 6.82 1.80
C ALA A 11 -1.25 6.50 3.16
N LYS A 12 -2.52 6.87 3.36
CA LYS A 12 -3.24 6.74 4.63
C LYS A 12 -4.71 6.38 4.39
N LYS A 13 -5.35 5.67 5.32
CA LYS A 13 -6.76 5.30 5.19
C LYS A 13 -7.66 6.51 4.92
N PRO A 14 -8.78 6.34 4.19
CA PRO A 14 -9.83 7.35 4.10
C PRO A 14 -10.52 7.57 5.45
N GLU A 15 -11.11 8.76 5.57
CA GLU A 15 -12.22 9.04 6.46
C GLU A 15 -13.45 8.23 6.01
N ASP A 16 -13.71 8.26 4.70
CA ASP A 16 -14.94 7.80 4.05
C ASP A 16 -14.86 6.30 3.77
N TRP A 17 -13.97 5.59 4.46
CA TRP A 17 -13.79 4.17 4.40
C TRP A 17 -14.96 3.48 5.10
N ASP A 18 -15.53 2.47 4.47
CA ASP A 18 -16.68 1.75 4.97
C ASP A 18 -16.19 0.40 5.46
N GLU A 19 -15.77 0.34 6.71
CA GLU A 19 -15.16 -0.82 7.36
C GLU A 19 -16.14 -2.00 7.47
N GLU A 20 -17.44 -1.75 7.38
CA GLU A 20 -18.50 -2.75 7.43
C GLU A 20 -18.82 -3.27 6.02
N MET A 21 -18.42 -2.53 4.99
CA MET A 21 -18.52 -2.92 3.59
C MET A 21 -17.24 -3.67 3.21
N ASP A 22 -16.13 -2.93 3.18
CA ASP A 22 -14.91 -3.37 2.53
C ASP A 22 -14.09 -4.26 3.46
N GLY A 23 -13.78 -3.80 4.66
CA GLY A 23 -12.96 -4.51 5.64
C GLY A 23 -11.77 -3.63 6.02
N GLU A 24 -10.61 -4.23 6.25
CA GLU A 24 -9.38 -3.54 6.49
C GLU A 24 -8.96 -2.85 5.18
N TRP A 25 -8.65 -1.56 5.26
CA TRP A 25 -8.02 -0.85 4.16
C TRP A 25 -6.61 -1.43 3.97
N GLU A 26 -6.07 -1.36 2.75
CA GLU A 26 -4.70 -1.75 2.48
C GLU A 26 -4.10 -0.75 1.51
N PRO A 27 -2.87 -0.27 1.78
CA PRO A 27 -2.28 0.85 1.06
C PRO A 27 -1.88 0.48 -0.38
N PRO A 28 -1.58 1.49 -1.22
CA PRO A 28 -0.96 1.27 -2.50
C PRO A 28 0.49 0.80 -2.35
N VAL A 29 1.14 0.62 -3.48
CA VAL A 29 2.54 0.28 -3.61
C VAL A 29 3.23 1.34 -4.46
N ILE A 30 4.52 1.14 -4.68
CA ILE A 30 5.37 1.83 -5.62
C ILE A 30 6.20 0.72 -6.29
N GLN A 31 6.72 0.94 -7.49
CA GLN A 31 7.70 0.02 -8.04
C GLN A 31 8.96 0.14 -7.19
N ASN A 32 9.72 -0.96 -7.07
CA ASN A 32 10.99 -0.90 -6.35
C ASN A 32 12.03 -0.29 -7.29
N PRO A 33 12.63 0.87 -6.95
CA PRO A 33 13.62 1.53 -7.79
C PRO A 33 14.95 0.77 -7.87
N GLU A 34 15.18 -0.25 -7.03
CA GLU A 34 16.38 -1.09 -7.06
C GLU A 34 16.14 -2.41 -7.82
N TYR A 35 14.88 -2.82 -7.97
CA TYR A 35 14.52 -4.02 -8.72
C TYR A 35 14.67 -3.65 -10.21
N LYS A 36 15.73 -4.13 -10.85
CA LYS A 36 16.03 -3.88 -12.27
C LYS A 36 14.79 -4.17 -13.11
N GLY A 37 14.16 -5.33 -12.93
CA GLY A 37 13.04 -5.78 -13.74
C GLY A 37 12.98 -7.29 -13.72
N GLY A 1 17.54 -9.29 -0.56
CA GLY A 1 17.79 -8.02 -1.25
C GLY A 1 16.73 -6.98 -0.90
N LYS A 2 15.87 -6.67 -1.86
CA LYS A 2 14.76 -5.72 -1.81
C LYS A 2 13.67 -6.32 -2.72
N PRO A 3 12.39 -6.26 -2.35
CA PRO A 3 11.35 -7.06 -2.98
C PRO A 3 10.98 -6.62 -4.41
N GLU A 4 10.08 -7.39 -5.04
CA GLU A 4 9.52 -7.13 -6.37
C GLU A 4 8.97 -5.70 -6.48
N HIS A 5 8.27 -5.25 -5.45
CA HIS A 5 7.56 -3.97 -5.33
C HIS A 5 7.82 -3.45 -3.91
N ILE A 6 7.63 -2.14 -3.68
CA ILE A 6 7.83 -1.49 -2.39
C ILE A 6 6.48 -0.99 -1.89
N PRO A 7 6.28 -0.91 -0.57
CA PRO A 7 5.04 -0.44 0.00
C PRO A 7 4.91 1.07 -0.19
N ASP A 8 3.69 1.58 0.02
CA ASP A 8 3.44 3.01 0.07
C ASP A 8 3.38 3.40 1.55
N PRO A 9 4.42 4.05 2.11
CA PRO A 9 4.44 4.46 3.50
C PRO A 9 3.50 5.65 3.72
N ASP A 10 3.69 6.70 2.91
CA ASP A 10 2.97 7.97 3.09
C ASP A 10 1.45 7.82 2.98
N ALA A 11 0.95 6.86 2.21
CA ALA A 11 -0.48 6.59 2.12
C ALA A 11 -1.07 6.33 3.50
N LYS A 12 -2.29 6.82 3.73
CA LYS A 12 -3.08 6.60 4.94
C LYS A 12 -4.52 6.33 4.51
N LYS A 13 -5.26 5.57 5.34
CA LYS A 13 -6.65 5.24 5.05
C LYS A 13 -7.51 6.46 4.70
N PRO A 14 -8.65 6.28 4.02
CA PRO A 14 -9.64 7.33 3.82
C PRO A 14 -10.25 7.76 5.14
N GLU A 15 -10.83 8.95 5.12
CA GLU A 15 -11.88 9.38 6.03
C GLU A 15 -13.17 8.62 5.69
N ASP A 16 -13.47 8.51 4.40
CA ASP A 16 -14.71 7.94 3.86
C ASP A 16 -14.58 6.41 3.71
N TRP A 17 -13.84 5.79 4.63
CA TRP A 17 -13.65 4.36 4.72
C TRP A 17 -14.78 3.71 5.49
N ASP A 18 -15.40 2.72 4.86
CA ASP A 18 -16.58 2.04 5.36
C ASP A 18 -16.14 0.73 6.00
N GLU A 19 -15.78 0.75 7.28
CA GLU A 19 -15.40 -0.47 8.01
C GLU A 19 -16.56 -1.46 8.09
N GLU A 20 -17.81 -0.99 8.02
CA GLU A 20 -19.01 -1.81 8.07
C GLU A 20 -19.37 -2.42 6.71
N MET A 21 -18.92 -1.81 5.62
CA MET A 21 -19.11 -2.36 4.28
C MET A 21 -17.91 -3.22 3.94
N ASP A 22 -16.74 -2.59 3.86
CA ASP A 22 -15.56 -3.17 3.24
C ASP A 22 -14.82 -4.02 4.27
N GLY A 23 -14.31 -3.42 5.34
CA GLY A 23 -13.54 -4.12 6.36
C GLY A 23 -12.19 -3.45 6.59
N GLU A 24 -11.13 -4.25 6.69
CA GLU A 24 -9.76 -3.84 6.72
C GLU A 24 -9.43 -3.04 5.46
N TRP A 25 -8.73 -1.91 5.59
CA TRP A 25 -8.14 -1.22 4.45
C TRP A 25 -6.75 -1.82 4.19
N GLU A 26 -6.18 -1.56 3.01
CA GLU A 26 -4.79 -1.85 2.71
C GLU A 26 -4.22 -0.65 1.93
N PRO A 27 -2.97 -0.23 2.21
CA PRO A 27 -2.30 0.81 1.44
C PRO A 27 -1.89 0.31 0.05
N PRO A 28 -1.53 1.21 -0.88
CA PRO A 28 -0.98 0.86 -2.19
C PRO A 28 0.36 0.12 -2.08
N VAL A 29 0.95 -0.16 -3.24
CA VAL A 29 2.36 -0.36 -3.42
C VAL A 29 2.84 0.60 -4.51
N ILE A 30 4.14 0.58 -4.76
CA ILE A 30 4.84 1.37 -5.75
C ILE A 30 5.79 0.40 -6.45
N GLN A 31 6.11 0.68 -7.72
CA GLN A 31 7.22 0.03 -8.39
C GLN A 31 8.46 0.23 -7.53
N ASN A 32 9.23 -0.83 -7.29
CA ASN A 32 10.44 -0.73 -6.49
C ASN A 32 11.51 -0.02 -7.33
N PRO A 33 12.00 1.17 -6.94
CA PRO A 33 13.02 1.90 -7.66
C PRO A 33 14.43 1.25 -7.61
N GLU A 34 14.62 0.06 -7.01
CA GLU A 34 15.79 -0.80 -7.09
C GLU A 34 15.39 -2.21 -6.65
N TYR A 35 14.82 -2.95 -7.59
CA TYR A 35 14.48 -4.37 -7.49
C TYR A 35 15.59 -5.23 -8.13
N LYS A 36 16.56 -5.68 -7.34
CA LYS A 36 17.34 -6.87 -7.66
C LYS A 36 16.51 -8.14 -7.42
N GLY A 37 15.58 -8.11 -6.46
CA GLY A 37 14.96 -9.28 -5.87
C GLY A 37 15.76 -9.69 -4.66
N GLY A 1 16.18 -11.38 -1.27
CA GLY A 1 16.31 -9.93 -1.30
C GLY A 1 14.96 -9.26 -1.12
N LYS A 2 14.80 -8.09 -1.73
CA LYS A 2 13.57 -7.29 -1.73
C LYS A 2 12.50 -7.94 -2.64
N PRO A 3 11.21 -7.58 -2.49
CA PRO A 3 10.16 -7.97 -3.43
C PRO A 3 10.22 -7.17 -4.73
N GLU A 4 9.31 -7.51 -5.64
CA GLU A 4 9.11 -6.83 -6.90
C GLU A 4 8.72 -5.35 -6.68
N HIS A 5 7.73 -5.07 -5.83
CA HIS A 5 7.17 -3.73 -5.60
C HIS A 5 7.20 -3.46 -4.09
N ILE A 6 7.34 -2.18 -3.71
CA ILE A 6 7.39 -1.67 -2.34
C ILE A 6 6.01 -1.10 -1.99
N PRO A 7 5.61 -1.07 -0.70
CA PRO A 7 4.37 -0.42 -0.32
C PRO A 7 4.52 1.09 -0.33
N ASP A 8 3.38 1.76 -0.42
CA ASP A 8 3.32 3.21 -0.49
C ASP A 8 3.42 3.77 0.93
N PRO A 9 4.42 4.60 1.26
CA PRO A 9 4.65 5.04 2.64
C PRO A 9 3.65 6.12 3.07
N ASP A 10 3.29 7.04 2.16
CA ASP A 10 2.52 8.22 2.47
C ASP A 10 1.03 7.87 2.54
N ALA A 11 0.57 7.06 1.58
CA ALA A 11 -0.83 6.69 1.43
C ALA A 11 -1.39 6.13 2.75
N LYS A 12 -2.39 6.84 3.30
CA LYS A 12 -3.18 6.43 4.44
C LYS A 12 -4.61 6.12 3.98
N LYS A 13 -5.36 5.42 4.81
CA LYS A 13 -6.81 5.23 4.74
C LYS A 13 -7.53 6.44 4.11
N PRO A 14 -8.58 6.22 3.31
CA PRO A 14 -9.58 7.23 3.03
C PRO A 14 -10.28 7.68 4.32
N GLU A 15 -10.86 8.86 4.26
CA GLU A 15 -12.01 9.26 5.05
C GLU A 15 -13.22 8.42 4.60
N ASP A 16 -13.38 8.25 3.28
CA ASP A 16 -14.43 7.47 2.61
C ASP A 16 -14.17 5.96 2.74
N TRP A 17 -13.67 5.50 3.88
CA TRP A 17 -13.45 4.11 4.23
C TRP A 17 -14.49 3.61 5.21
N ASP A 18 -15.15 2.51 4.85
CA ASP A 18 -16.19 1.89 5.64
C ASP A 18 -15.58 0.74 6.42
N GLU A 19 -15.07 1.00 7.62
CA GLU A 19 -14.63 -0.09 8.51
C GLU A 19 -15.77 -1.00 8.99
N GLU A 20 -17.00 -0.77 8.55
CA GLU A 20 -18.18 -1.54 8.86
C GLU A 20 -18.70 -2.32 7.65
N MET A 21 -18.09 -2.10 6.48
CA MET A 21 -18.41 -2.83 5.25
C MET A 21 -17.17 -3.56 4.77
N ASP A 22 -16.07 -2.81 4.60
CA ASP A 22 -14.85 -3.33 4.02
C ASP A 22 -14.00 -4.04 5.07
N GLY A 23 -13.31 -3.30 5.95
CA GLY A 23 -12.45 -3.87 6.98
C GLY A 23 -11.07 -3.25 6.96
N GLU A 24 -10.03 -4.07 7.07
CA GLU A 24 -8.65 -3.64 6.91
C GLU A 24 -8.48 -3.10 5.50
N TRP A 25 -8.20 -1.80 5.42
CA TRP A 25 -7.65 -1.19 4.23
C TRP A 25 -6.22 -1.73 4.07
N GLU A 26 -5.71 -1.70 2.84
CA GLU A 26 -4.33 -2.06 2.54
C GLU A 26 -3.82 -1.04 1.53
N PRO A 27 -2.67 -0.38 1.77
CA PRO A 27 -2.21 0.71 0.93
C PRO A 27 -1.82 0.25 -0.48
N PRO A 28 -1.64 1.20 -1.41
CA PRO A 28 -1.07 0.91 -2.71
C PRO A 28 0.41 0.51 -2.61
N VAL A 29 1.02 0.33 -3.77
CA VAL A 29 2.41 0.03 -3.96
C VAL A 29 3.03 0.97 -4.98
N ILE A 30 4.36 0.93 -5.06
CA ILE A 30 5.19 1.73 -5.94
C ILE A 30 6.33 0.86 -6.43
N GLN A 31 7.01 1.39 -7.45
CA GLN A 31 8.31 0.94 -7.92
C GLN A 31 9.30 0.89 -6.77
N ASN A 32 9.79 -0.32 -6.47
CA ASN A 32 10.92 -0.54 -5.58
C ASN A 32 12.18 -0.07 -6.31
N PRO A 33 12.92 0.91 -5.78
CA PRO A 33 14.13 1.41 -6.42
C PRO A 33 15.18 0.32 -6.57
N GLU A 34 15.32 -0.57 -5.57
CA GLU A 34 16.39 -1.55 -5.46
C GLU A 34 15.95 -2.90 -6.07
N TYR A 35 14.76 -2.98 -6.67
CA TYR A 35 14.34 -4.15 -7.42
C TYR A 35 15.18 -4.27 -8.72
N LYS A 36 15.08 -5.37 -9.45
CA LYS A 36 15.74 -5.58 -10.75
C LYS A 36 14.71 -5.99 -11.78
N GLY A 37 14.10 -7.16 -11.60
CA GLY A 37 13.42 -7.92 -12.62
C GLY A 37 13.48 -9.35 -12.15
N GLY A 1 17.23 -9.19 1.24
CA GLY A 1 16.93 -8.36 0.07
C GLY A 1 15.65 -7.55 0.25
N LYS A 2 15.49 -6.46 -0.52
CA LYS A 2 14.23 -5.74 -0.62
C LYS A 2 13.28 -6.54 -1.54
N PRO A 3 11.95 -6.43 -1.36
CA PRO A 3 10.97 -7.06 -2.24
C PRO A 3 11.02 -6.50 -3.67
N GLU A 4 10.24 -7.11 -4.56
CA GLU A 4 9.96 -6.66 -5.93
C GLU A 4 9.00 -5.47 -6.04
N HIS A 5 8.27 -5.14 -4.97
CA HIS A 5 7.50 -3.91 -4.82
C HIS A 5 7.74 -3.34 -3.43
N ILE A 6 7.73 -2.01 -3.34
CA ILE A 6 7.93 -1.25 -2.10
C ILE A 6 6.55 -0.76 -1.65
N PRO A 7 6.30 -0.64 -0.34
CA PRO A 7 5.05 -0.08 0.13
C PRO A 7 5.02 1.44 -0.05
N ASP A 8 3.84 2.03 0.08
CA ASP A 8 3.70 3.49 0.02
C ASP A 8 3.69 3.98 1.48
N PRO A 9 4.78 4.59 1.97
CA PRO A 9 4.88 4.96 3.37
C PRO A 9 4.01 6.18 3.72
N ASP A 10 3.59 6.96 2.72
CA ASP A 10 2.82 8.18 2.94
C ASP A 10 1.32 7.91 2.88
N ALA A 11 0.95 6.72 2.41
CA ALA A 11 -0.43 6.26 2.39
C ALA A 11 -0.92 6.03 3.83
N LYS A 12 -2.07 6.62 4.14
CA LYS A 12 -2.91 6.27 5.28
C LYS A 12 -4.34 6.05 4.81
N LYS A 13 -5.19 5.45 5.64
CA LYS A 13 -6.60 5.27 5.37
C LYS A 13 -7.27 6.54 4.83
N PRO A 14 -8.34 6.41 4.03
CA PRO A 14 -9.35 7.44 3.91
C PRO A 14 -9.97 7.69 5.28
N GLU A 15 -10.54 8.88 5.43
CA GLU A 15 -11.59 9.10 6.40
C GLU A 15 -12.89 8.50 5.89
N ASP A 16 -13.14 8.63 4.59
CA ASP A 16 -14.35 8.18 3.89
C ASP A 16 -14.24 6.69 3.50
N TRP A 17 -13.56 5.93 4.35
CA TRP A 17 -13.51 4.50 4.38
C TRP A 17 -14.71 3.99 5.17
N ASP A 18 -15.27 2.87 4.75
CA ASP A 18 -16.48 2.33 5.33
C ASP A 18 -16.13 0.93 5.80
N GLU A 19 -15.61 0.79 7.02
CA GLU A 19 -15.32 -0.54 7.59
C GLU A 19 -16.60 -1.39 7.64
N GLU A 20 -17.76 -0.76 7.77
CA GLU A 20 -19.03 -1.45 7.82
C GLU A 20 -19.35 -2.09 6.47
N MET A 21 -18.89 -1.51 5.37
CA MET A 21 -19.07 -2.00 4.01
C MET A 21 -17.87 -2.88 3.65
N ASP A 22 -16.68 -2.29 3.59
CA ASP A 22 -15.54 -2.85 2.88
C ASP A 22 -14.73 -3.78 3.78
N GLY A 23 -14.32 -3.31 4.95
CA GLY A 23 -13.53 -4.08 5.91
C GLY A 23 -12.16 -3.46 6.15
N GLU A 24 -11.12 -4.29 6.28
CA GLU A 24 -9.74 -3.84 6.40
C GLU A 24 -9.30 -3.23 5.08
N TRP A 25 -8.96 -1.94 5.14
CA TRP A 25 -8.22 -1.24 4.09
C TRP A 25 -6.86 -1.91 3.88
N GLU A 26 -6.16 -1.50 2.82
CA GLU A 26 -4.74 -1.74 2.66
C GLU A 26 -4.16 -0.59 1.82
N PRO A 27 -2.93 -0.14 2.10
CA PRO A 27 -2.27 0.91 1.33
C PRO A 27 -1.86 0.44 -0.08
N PRO A 28 -1.51 1.36 -0.98
CA PRO A 28 -0.92 1.06 -2.29
C PRO A 28 0.44 0.38 -2.18
N VAL A 29 1.06 0.12 -3.32
CA VAL A 29 2.47 -0.11 -3.47
C VAL A 29 3.02 0.72 -4.62
N ILE A 30 4.33 0.85 -4.65
CA ILE A 30 5.12 1.67 -5.54
C ILE A 30 6.13 0.71 -6.17
N GLN A 31 6.49 0.96 -7.43
CA GLN A 31 7.63 0.28 -8.03
C GLN A 31 8.88 0.69 -7.26
N ASN A 32 9.77 -0.27 -7.03
CA ASN A 32 11.08 -0.05 -6.48
C ASN A 32 11.84 0.90 -7.38
N PRO A 33 12.87 1.58 -6.85
CA PRO A 33 13.75 2.36 -7.70
C PRO A 33 14.54 1.49 -8.68
N GLU A 34 14.75 0.22 -8.34
CA GLU A 34 15.45 -0.79 -9.10
C GLU A 34 14.79 -2.14 -8.83
N TYR A 35 14.76 -2.54 -7.55
CA TYR A 35 14.72 -3.94 -7.10
C TYR A 35 15.90 -4.77 -7.66
N LYS A 36 16.28 -5.78 -6.89
CA LYS A 36 17.43 -6.66 -7.14
C LYS A 36 17.10 -8.10 -6.78
N GLY A 37 16.31 -8.30 -5.72
CA GLY A 37 16.26 -9.56 -5.00
C GLY A 37 17.45 -9.54 -4.06
N GLY A 1 17.64 -9.99 -0.15
CA GLY A 1 17.48 -9.09 -1.28
C GLY A 1 16.18 -8.33 -1.19
N LYS A 2 15.89 -7.55 -2.21
CA LYS A 2 14.72 -6.67 -2.23
C LYS A 2 13.48 -7.52 -2.53
N PRO A 3 12.28 -7.07 -2.13
CA PRO A 3 11.05 -7.61 -2.67
C PRO A 3 10.98 -7.34 -4.18
N GLU A 4 9.93 -7.86 -4.80
CA GLU A 4 9.34 -7.35 -6.03
C GLU A 4 8.94 -5.88 -5.88
N HIS A 5 7.94 -5.54 -5.07
CA HIS A 5 7.35 -4.19 -5.02
C HIS A 5 7.51 -3.59 -3.62
N ILE A 6 7.48 -2.26 -3.55
CA ILE A 6 7.55 -1.50 -2.30
C ILE A 6 6.12 -1.02 -1.99
N PRO A 7 5.67 -1.03 -0.73
CA PRO A 7 4.35 -0.54 -0.34
C PRO A 7 4.36 0.98 -0.23
N ASP A 8 3.19 1.58 0.00
CA ASP A 8 3.04 3.02 0.01
C ASP A 8 2.74 3.50 1.44
N PRO A 9 3.67 4.15 2.14
CA PRO A 9 3.46 4.66 3.49
C PRO A 9 2.86 6.07 3.50
N ASP A 10 2.93 6.77 2.37
CA ASP A 10 2.51 8.16 2.27
C ASP A 10 1.01 8.26 1.98
N ALA A 11 0.51 7.28 1.22
CA ALA A 11 -0.89 6.91 1.20
C ALA A 11 -1.34 6.61 2.63
N LYS A 12 -2.53 7.05 2.99
CA LYS A 12 -3.15 6.87 4.28
C LYS A 12 -4.61 6.52 4.02
N LYS A 13 -5.24 5.72 4.88
CA LYS A 13 -6.63 5.33 4.73
C LYS A 13 -7.56 6.52 4.47
N PRO A 14 -8.71 6.31 3.79
CA PRO A 14 -9.73 7.33 3.65
C PRO A 14 -10.37 7.68 4.99
N GLU A 15 -11.10 8.78 4.96
CA GLU A 15 -12.06 9.19 5.96
C GLU A 15 -13.36 8.44 5.70
N ASP A 16 -13.78 8.45 4.44
CA ASP A 16 -14.99 7.86 3.85
C ASP A 16 -14.77 6.37 3.57
N TRP A 17 -13.99 5.71 4.42
CA TRP A 17 -13.84 4.28 4.52
C TRP A 17 -14.91 3.71 5.44
N ASP A 18 -15.83 2.93 4.88
CA ASP A 18 -16.83 2.20 5.61
C ASP A 18 -16.23 0.85 5.98
N GLU A 19 -15.59 0.76 7.15
CA GLU A 19 -14.95 -0.47 7.62
C GLU A 19 -16.00 -1.54 7.97
N GLU A 20 -17.26 -1.15 8.17
CA GLU A 20 -18.34 -2.08 8.41
C GLU A 20 -18.79 -2.76 7.11
N MET A 21 -18.43 -2.16 5.98
CA MET A 21 -18.72 -2.67 4.66
C MET A 21 -17.49 -3.37 4.11
N ASP A 22 -16.42 -2.61 3.87
CA ASP A 22 -15.32 -3.07 3.04
C ASP A 22 -14.38 -3.95 3.86
N GLY A 23 -13.82 -3.43 4.95
CA GLY A 23 -12.95 -4.17 5.86
C GLY A 23 -11.60 -3.49 6.02
N GLU A 24 -10.54 -4.28 6.05
CA GLU A 24 -9.18 -3.79 6.19
C GLU A 24 -8.75 -3.15 4.87
N TRP A 25 -8.51 -1.84 4.91
CA TRP A 25 -7.86 -1.13 3.82
C TRP A 25 -6.42 -1.66 3.76
N GLU A 26 -5.85 -1.70 2.55
CA GLU A 26 -4.43 -1.90 2.36
C GLU A 26 -3.95 -0.80 1.40
N PRO A 27 -2.80 -0.17 1.65
CA PRO A 27 -2.29 0.88 0.80
C PRO A 27 -1.91 0.37 -0.61
N PRO A 28 -1.67 1.29 -1.56
CA PRO A 28 -1.09 0.96 -2.84
C PRO A 28 0.38 0.54 -2.71
N VAL A 29 1.02 0.35 -3.86
CA VAL A 29 2.40 -0.01 -4.01
C VAL A 29 3.08 0.92 -5.02
N ILE A 30 4.40 0.86 -5.05
CA ILE A 30 5.29 1.67 -5.84
C ILE A 30 6.32 0.69 -6.42
N GLN A 31 6.81 0.98 -7.62
CA GLN A 31 7.93 0.25 -8.20
C GLN A 31 9.16 0.51 -7.33
N ASN A 32 9.85 -0.56 -6.96
CA ASN A 32 11.10 -0.46 -6.24
C ASN A 32 12.09 0.25 -7.17
N PRO A 33 12.83 1.27 -6.70
CA PRO A 33 13.81 1.97 -7.54
C PRO A 33 14.96 1.07 -8.02
N GLU A 34 15.11 -0.14 -7.49
CA GLU A 34 16.22 -1.07 -7.69
C GLU A 34 15.79 -2.55 -7.58
N TYR A 35 14.54 -2.93 -7.85
CA TYR A 35 14.07 -4.31 -7.58
C TYR A 35 15.02 -5.35 -8.17
N LYS A 36 15.40 -6.31 -7.33
CA LYS A 36 16.20 -7.48 -7.61
C LYS A 36 15.82 -8.51 -6.55
N GLY A 37 15.34 -9.65 -7.00
CA GLY A 37 15.12 -10.86 -6.21
C GLY A 37 15.36 -12.03 -7.15
N GLY A 1 17.63 -10.45 -1.42
CA GLY A 1 17.03 -9.57 -2.42
C GLY A 1 15.89 -8.79 -1.81
N LYS A 2 15.65 -7.57 -2.31
CA LYS A 2 14.41 -6.84 -2.00
C LYS A 2 13.26 -7.45 -2.83
N PRO A 3 11.99 -7.20 -2.46
CA PRO A 3 10.83 -7.60 -3.24
C PRO A 3 10.76 -6.82 -4.54
N GLU A 4 9.74 -7.11 -5.34
CA GLU A 4 9.57 -6.53 -6.64
C GLU A 4 9.03 -5.09 -6.54
N HIS A 5 8.23 -4.81 -5.50
CA HIS A 5 7.59 -3.53 -5.27
C HIS A 5 7.88 -3.12 -3.83
N ILE A 6 7.56 -1.87 -3.52
CA ILE A 6 7.58 -1.28 -2.19
C ILE A 6 6.16 -0.76 -1.96
N PRO A 7 5.61 -0.77 -0.74
CA PRO A 7 4.28 -0.23 -0.51
C PRO A 7 4.33 1.30 -0.58
N ASP A 8 3.17 1.93 -0.52
CA ASP A 8 3.07 3.39 -0.39
C ASP A 8 2.80 3.69 1.08
N PRO A 9 3.83 4.05 1.87
CA PRO A 9 3.69 4.27 3.30
C PRO A 9 3.02 5.62 3.60
N ASP A 10 3.22 6.61 2.74
CA ASP A 10 2.68 7.95 2.94
C ASP A 10 1.19 7.96 2.64
N ALA A 11 0.75 7.10 1.71
CA ALA A 11 -0.66 6.86 1.47
C ALA A 11 -1.33 6.40 2.77
N LYS A 12 -2.35 7.13 3.18
CA LYS A 12 -3.08 6.86 4.41
C LYS A 12 -4.45 6.33 4.06
N LYS A 13 -4.98 5.48 4.94
CA LYS A 13 -6.35 5.02 4.85
C LYS A 13 -7.33 6.20 4.71
N PRO A 14 -8.45 5.99 4.00
CA PRO A 14 -9.46 7.01 3.79
C PRO A 14 -10.02 7.48 5.12
N GLU A 15 -10.33 8.77 5.19
CA GLU A 15 -11.05 9.34 6.32
C GLU A 15 -12.53 8.94 6.28
N ASP A 16 -13.00 8.51 5.11
CA ASP A 16 -14.38 8.13 4.80
C ASP A 16 -14.53 6.59 4.79
N TRP A 17 -13.50 5.87 5.25
CA TRP A 17 -13.39 4.42 5.20
C TRP A 17 -14.45 3.78 6.07
N ASP A 18 -14.91 2.61 5.63
CA ASP A 18 -15.99 1.88 6.23
C ASP A 18 -15.53 0.46 6.57
N GLU A 19 -15.24 0.20 7.83
CA GLU A 19 -14.78 -1.12 8.25
C GLU A 19 -15.96 -2.11 8.43
N GLU A 20 -17.21 -1.64 8.29
CA GLU A 20 -18.41 -2.46 8.27
C GLU A 20 -18.74 -2.89 6.84
N MET A 21 -18.58 -1.96 5.89
CA MET A 21 -18.85 -2.18 4.48
C MET A 21 -17.68 -2.87 3.81
N ASP A 22 -16.53 -2.20 3.76
CA ASP A 22 -15.44 -2.53 2.85
C ASP A 22 -14.29 -3.29 3.53
N GLY A 23 -14.22 -3.30 4.86
CA GLY A 23 -13.34 -4.18 5.63
C GLY A 23 -11.95 -3.60 5.87
N GLU A 24 -10.91 -4.42 5.73
CA GLU A 24 -9.51 -4.02 5.91
C GLU A 24 -9.06 -3.18 4.72
N TRP A 25 -8.50 -1.99 4.95
CA TRP A 25 -7.81 -1.24 3.90
C TRP A 25 -6.34 -1.71 3.83
N GLU A 26 -5.78 -1.77 2.63
CA GLU A 26 -4.34 -1.84 2.39
C GLU A 26 -3.98 -0.76 1.35
N PRO A 27 -2.88 -0.02 1.56
CA PRO A 27 -2.43 1.04 0.66
C PRO A 27 -1.94 0.49 -0.70
N PRO A 28 -1.68 1.39 -1.67
CA PRO A 28 -1.03 1.04 -2.92
C PRO A 28 0.44 0.68 -2.73
N VAL A 29 1.13 0.48 -3.85
CA VAL A 29 2.53 0.18 -3.97
C VAL A 29 3.20 1.15 -4.96
N ILE A 30 4.51 1.08 -5.01
CA ILE A 30 5.42 1.97 -5.70
C ILE A 30 6.47 1.04 -6.34
N GLN A 31 6.81 1.27 -7.61
CA GLN A 31 7.84 0.51 -8.30
C GLN A 31 9.15 0.68 -7.54
N ASN A 32 9.74 -0.45 -7.11
CA ASN A 32 10.87 -0.48 -6.19
C ASN A 32 12.11 0.11 -6.85
N PRO A 33 12.69 1.22 -6.35
CA PRO A 33 13.89 1.85 -6.93
C PRO A 33 15.12 0.93 -6.91
N GLU A 34 15.08 -0.15 -6.15
CA GLU A 34 16.18 -1.05 -5.85
C GLU A 34 15.83 -2.50 -6.22
N TYR A 35 14.77 -2.73 -6.99
CA TYR A 35 14.58 -4.01 -7.69
C TYR A 35 15.29 -3.93 -9.04
N LYS A 36 15.54 -5.06 -9.71
CA LYS A 36 16.05 -5.12 -11.06
C LYS A 36 15.24 -6.12 -11.89
N GLY A 37 14.96 -7.30 -11.35
CA GLY A 37 14.46 -8.43 -12.12
C GLY A 37 15.67 -9.10 -12.69
N GLY A 1 15.69 -9.84 0.76
CA GLY A 1 15.62 -8.37 0.77
C GLY A 1 14.65 -7.87 -0.30
N LYS A 2 14.69 -6.55 -0.50
CA LYS A 2 13.81 -5.72 -1.31
C LYS A 2 12.93 -6.44 -2.37
N PRO A 3 11.60 -6.39 -2.23
CA PRO A 3 10.65 -7.03 -3.13
C PRO A 3 10.46 -6.28 -4.43
N GLU A 4 9.65 -6.88 -5.29
CA GLU A 4 9.28 -6.44 -6.61
C GLU A 4 8.58 -5.08 -6.59
N HIS A 5 7.81 -4.76 -5.55
CA HIS A 5 7.06 -3.51 -5.39
C HIS A 5 7.18 -3.14 -3.93
N ILE A 6 7.53 -1.89 -3.63
CA ILE A 6 7.63 -1.39 -2.27
C ILE A 6 6.24 -0.87 -1.90
N PRO A 7 5.79 -1.01 -0.65
CA PRO A 7 4.50 -0.49 -0.23
C PRO A 7 4.60 0.97 0.18
N ASP A 8 3.46 1.63 0.31
CA ASP A 8 3.41 3.07 0.52
C ASP A 8 3.17 3.40 2.00
N PRO A 9 4.16 3.94 2.74
CA PRO A 9 4.01 4.30 4.13
C PRO A 9 3.36 5.69 4.34
N ASP A 10 3.41 6.56 3.32
CA ASP A 10 2.87 7.91 3.35
C ASP A 10 1.35 7.81 3.28
N ALA A 11 0.84 7.08 2.27
CA ALA A 11 -0.57 6.85 2.03
C ALA A 11 -1.25 6.32 3.30
N LYS A 12 -2.10 7.14 3.94
CA LYS A 12 -2.99 6.69 5.01
C LYS A 12 -4.29 6.17 4.40
N LYS A 13 -5.04 5.39 5.16
CA LYS A 13 -6.43 5.05 4.84
C LYS A 13 -7.30 6.30 4.57
N PRO A 14 -8.48 6.13 3.94
CA PRO A 14 -9.45 7.21 3.75
C PRO A 14 -10.05 7.69 5.07
N GLU A 15 -10.89 8.71 4.97
CA GLU A 15 -11.84 9.13 5.98
C GLU A 15 -13.23 8.59 5.62
N ASP A 16 -13.46 8.45 4.31
CA ASP A 16 -14.70 8.02 3.68
C ASP A 16 -14.76 6.49 3.56
N TRP A 17 -13.93 5.77 4.32
CA TRP A 17 -13.85 4.33 4.34
C TRP A 17 -14.97 3.74 5.18
N ASP A 18 -15.78 2.90 4.57
CA ASP A 18 -16.85 2.16 5.20
C ASP A 18 -16.27 0.81 5.63
N GLU A 19 -15.74 0.73 6.86
CA GLU A 19 -15.10 -0.49 7.36
C GLU A 19 -16.10 -1.61 7.60
N GLU A 20 -17.37 -1.29 7.82
CA GLU A 20 -18.43 -2.28 8.00
C GLU A 20 -18.74 -2.94 6.64
N MET A 21 -18.51 -2.22 5.55
CA MET A 21 -18.69 -2.70 4.19
C MET A 21 -17.45 -3.46 3.74
N ASP A 22 -16.32 -2.75 3.62
CA ASP A 22 -15.14 -3.26 2.92
C ASP A 22 -14.27 -4.07 3.89
N GLY A 23 -13.90 -3.48 5.04
CA GLY A 23 -13.09 -4.14 6.05
C GLY A 23 -11.72 -3.51 6.18
N GLU A 24 -10.69 -4.34 6.30
CA GLU A 24 -9.30 -3.89 6.30
C GLU A 24 -9.02 -3.21 4.96
N TRP A 25 -8.63 -1.93 5.01
CA TRP A 25 -7.98 -1.27 3.89
C TRP A 25 -6.61 -1.92 3.69
N GLU A 26 -6.04 -1.76 2.49
CA GLU A 26 -4.69 -2.19 2.16
C GLU A 26 -4.05 -1.06 1.34
N PRO A 27 -2.88 -0.55 1.73
CA PRO A 27 -2.27 0.61 1.08
C PRO A 27 -1.79 0.31 -0.35
N PRO A 28 -1.48 1.36 -1.13
CA PRO A 28 -0.87 1.22 -2.44
C PRO A 28 0.59 0.82 -2.37
N VAL A 29 1.19 0.72 -3.56
CA VAL A 29 2.57 0.41 -3.77
C VAL A 29 3.23 1.42 -4.71
N ILE A 30 4.55 1.36 -4.72
CA ILE A 30 5.45 2.25 -5.42
C ILE A 30 6.40 1.31 -6.16
N GLN A 31 6.55 1.50 -7.48
CA GLN A 31 7.55 0.81 -8.28
C GLN A 31 8.91 1.04 -7.61
N ASN A 32 9.51 -0.06 -7.14
CA ASN A 32 10.67 -0.08 -6.27
C ASN A 32 11.80 0.67 -6.98
N PRO A 33 12.40 1.70 -6.36
CA PRO A 33 13.50 2.44 -6.96
C PRO A 33 14.80 1.63 -7.10
N GLU A 34 14.83 0.33 -6.79
CA GLU A 34 15.89 -0.63 -7.08
C GLU A 34 15.39 -2.04 -6.69
N TYR A 35 14.52 -2.66 -7.50
CA TYR A 35 14.11 -4.05 -7.25
C TYR A 35 15.29 -4.99 -7.53
N LYS A 36 15.83 -5.62 -6.47
CA LYS A 36 16.86 -6.67 -6.53
C LYS A 36 18.08 -6.27 -7.37
N GLY A 37 18.33 -4.96 -7.49
CA GLY A 37 19.54 -4.35 -8.06
C GLY A 37 20.04 -3.34 -7.06
N GLY A 1 16.79 -9.69 -2.29
CA GLY A 1 17.71 -8.85 -1.51
C GLY A 1 17.03 -7.53 -1.21
N LYS A 2 16.97 -6.65 -2.20
CA LYS A 2 15.86 -5.71 -2.32
C LYS A 2 14.60 -6.50 -2.73
N PRO A 3 13.41 -6.03 -2.32
CA PRO A 3 12.14 -6.68 -2.68
C PRO A 3 11.80 -6.45 -4.15
N GLU A 4 10.66 -7.00 -4.55
CA GLU A 4 10.10 -6.87 -5.88
C GLU A 4 9.35 -5.54 -6.03
N HIS A 5 8.60 -5.14 -5.00
CA HIS A 5 7.86 -3.89 -4.93
C HIS A 5 8.18 -3.23 -3.59
N ILE A 6 7.71 -2.01 -3.39
CA ILE A 6 7.79 -1.30 -2.11
C ILE A 6 6.34 -0.87 -1.80
N PRO A 7 5.90 -0.81 -0.54
CA PRO A 7 4.57 -0.38 -0.22
C PRO A 7 4.47 1.14 -0.34
N ASP A 8 3.26 1.66 -0.33
CA ASP A 8 3.05 3.10 -0.30
C ASP A 8 3.10 3.52 1.18
N PRO A 9 4.05 4.40 1.58
CA PRO A 9 4.20 4.84 2.95
C PRO A 9 3.28 6.00 3.30
N ASP A 10 2.92 6.80 2.29
CA ASP A 10 2.22 8.08 2.45
C ASP A 10 0.72 7.84 2.44
N ALA A 11 0.28 6.90 1.59
CA ALA A 11 -1.08 6.40 1.57
C ALA A 11 -1.48 5.92 2.97
N LYS A 12 -2.48 6.57 3.54
CA LYS A 12 -3.11 6.25 4.81
C LYS A 12 -4.61 6.14 4.52
N LYS A 13 -5.35 5.43 5.38
CA LYS A 13 -6.79 5.21 5.28
C LYS A 13 -7.52 6.42 4.73
N PRO A 14 -8.36 6.24 3.70
CA PRO A 14 -9.12 7.33 3.14
C PRO A 14 -9.93 8.04 4.23
N GLU A 15 -10.04 9.35 4.09
CA GLU A 15 -10.90 10.22 4.86
C GLU A 15 -12.38 9.80 4.73
N ASP A 16 -12.67 9.03 3.69
CA ASP A 16 -13.97 8.61 3.19
C ASP A 16 -14.07 7.07 3.20
N TRP A 17 -13.21 6.40 3.98
CA TRP A 17 -13.29 4.96 4.23
C TRP A 17 -14.47 4.66 5.16
N ASP A 18 -15.00 3.44 5.13
CA ASP A 18 -16.27 3.06 5.75
C ASP A 18 -16.08 1.78 6.57
N GLU A 19 -15.47 1.85 7.77
CA GLU A 19 -15.08 0.66 8.58
C GLU A 19 -16.26 -0.27 8.90
N GLU A 20 -17.50 0.19 8.78
CA GLU A 20 -18.69 -0.61 9.03
C GLU A 20 -19.00 -1.57 7.87
N MET A 21 -18.39 -1.33 6.72
CA MET A 21 -18.89 -1.75 5.43
C MET A 21 -17.89 -2.69 4.77
N ASP A 22 -16.64 -2.25 4.62
CA ASP A 22 -15.66 -3.03 3.86
C ASP A 22 -14.87 -3.93 4.80
N GLY A 23 -14.12 -3.34 5.73
CA GLY A 23 -13.15 -4.04 6.57
C GLY A 23 -11.79 -3.35 6.58
N GLU A 24 -10.74 -4.10 6.93
CA GLU A 24 -9.37 -3.62 6.95
C GLU A 24 -8.96 -3.08 5.58
N TRP A 25 -8.83 -1.76 5.50
CA TRP A 25 -8.19 -1.12 4.38
C TRP A 25 -6.76 -1.66 4.23
N GLU A 26 -6.25 -1.70 3.00
CA GLU A 26 -4.82 -1.86 2.75
C GLU A 26 -4.38 -0.75 1.81
N PRO A 27 -3.15 -0.22 1.98
CA PRO A 27 -2.61 0.81 1.10
C PRO A 27 -2.17 0.19 -0.24
N PRO A 28 -1.91 1.03 -1.26
CA PRO A 28 -1.26 0.61 -2.48
C PRO A 28 0.22 0.27 -2.25
N VAL A 29 0.93 0.07 -3.37
CA VAL A 29 2.36 -0.11 -3.46
C VAL A 29 2.93 0.89 -4.46
N ILE A 30 4.24 0.84 -4.65
CA ILE A 30 5.00 1.64 -5.56
C ILE A 30 6.01 0.70 -6.21
N GLN A 31 6.25 0.88 -7.50
CA GLN A 31 7.20 0.07 -8.24
C GLN A 31 8.57 0.23 -7.56
N ASN A 32 9.21 -0.86 -7.11
CA ASN A 32 10.47 -0.74 -6.37
C ASN A 32 11.53 -0.11 -7.28
N PRO A 33 11.95 1.15 -7.05
CA PRO A 33 12.85 1.85 -7.94
C PRO A 33 14.25 1.24 -7.95
N GLU A 34 14.58 0.35 -7.02
CA GLU A 34 15.86 -0.31 -6.90
C GLU A 34 15.77 -1.79 -7.32
N TYR A 35 14.58 -2.32 -7.61
CA TYR A 35 14.44 -3.61 -8.29
C TYR A 35 14.97 -3.45 -9.72
N LYS A 36 15.38 -4.54 -10.37
CA LYS A 36 16.04 -4.52 -11.67
C LYS A 36 15.54 -5.68 -12.54
N GLY A 37 14.33 -6.15 -12.35
CA GLY A 37 13.61 -6.92 -13.34
C GLY A 37 12.85 -5.87 -14.12
N GLY A 1 16.01 -10.35 -0.23
CA GLY A 1 15.78 -10.07 -1.66
C GLY A 1 14.59 -9.15 -1.82
N LYS A 2 14.82 -7.94 -2.33
CA LYS A 2 13.78 -6.94 -2.46
C LYS A 2 12.68 -7.40 -3.43
N PRO A 3 11.42 -7.15 -3.10
CA PRO A 3 10.25 -7.58 -3.86
C PRO A 3 10.05 -6.76 -5.12
N GLU A 4 9.01 -7.13 -5.86
CA GLU A 4 8.67 -6.52 -7.13
C GLU A 4 8.02 -5.14 -6.94
N HIS A 5 7.29 -4.91 -5.83
CA HIS A 5 6.70 -3.62 -5.47
C HIS A 5 7.03 -3.32 -4.01
N ILE A 6 7.03 -2.05 -3.63
CA ILE A 6 7.24 -1.57 -2.25
C ILE A 6 5.95 -0.86 -1.85
N PRO A 7 5.53 -0.89 -0.57
CA PRO A 7 4.31 -0.20 -0.18
C PRO A 7 4.53 1.29 -0.08
N ASP A 8 3.44 2.04 -0.05
CA ASP A 8 3.46 3.49 0.18
C ASP A 8 3.44 3.72 1.69
N PRO A 9 4.53 4.20 2.31
CA PRO A 9 4.54 4.50 3.73
C PRO A 9 3.76 5.78 4.06
N ASP A 10 3.46 6.62 3.07
CA ASP A 10 2.82 7.92 3.27
C ASP A 10 1.29 7.82 3.19
N ALA A 11 0.78 6.65 2.78
CA ALA A 11 -0.63 6.38 2.60
C ALA A 11 -1.36 6.18 3.94
N LYS A 12 -2.15 7.17 4.31
CA LYS A 12 -3.23 7.08 5.27
C LYS A 12 -4.39 6.27 4.68
N LYS A 13 -5.15 5.52 5.50
CA LYS A 13 -6.52 5.12 5.12
C LYS A 13 -7.39 6.34 4.76
N PRO A 14 -8.54 6.13 4.07
CA PRO A 14 -9.52 7.20 3.86
C PRO A 14 -10.16 7.67 5.15
N GLU A 15 -10.78 8.86 5.12
CA GLU A 15 -11.62 9.39 6.16
C GLU A 15 -13.07 8.91 6.02
N ASP A 16 -13.40 8.37 4.84
CA ASP A 16 -14.74 7.93 4.42
C ASP A 16 -14.93 6.41 4.42
N TRP A 17 -13.90 5.65 4.79
CA TRP A 17 -13.84 4.20 4.65
C TRP A 17 -14.95 3.47 5.42
N ASP A 18 -15.38 2.31 4.93
CA ASP A 18 -16.48 1.51 5.47
C ASP A 18 -15.93 0.18 5.97
N GLU A 19 -15.33 0.13 7.17
CA GLU A 19 -14.68 -1.10 7.64
C GLU A 19 -15.65 -2.28 7.79
N GLU A 20 -16.95 -2.02 7.93
CA GLU A 20 -17.96 -3.07 8.09
C GLU A 20 -18.47 -3.61 6.75
N MET A 21 -17.98 -3.02 5.65
CA MET A 21 -18.30 -3.37 4.28
C MET A 21 -17.04 -3.78 3.55
N ASP A 22 -16.12 -2.84 3.35
CA ASP A 22 -14.96 -3.09 2.49
C ASP A 22 -13.80 -3.77 3.23
N GLY A 23 -13.91 -3.93 4.56
CA GLY A 23 -12.97 -4.71 5.36
C GLY A 23 -11.83 -3.85 5.91
N GLU A 24 -10.74 -4.50 6.33
CA GLU A 24 -9.50 -3.79 6.60
C GLU A 24 -8.99 -3.22 5.29
N TRP A 25 -8.75 -1.91 5.28
CA TRP A 25 -8.08 -1.22 4.20
C TRP A 25 -6.65 -1.75 4.04
N GLU A 26 -6.07 -1.55 2.86
CA GLU A 26 -4.69 -1.90 2.53
C GLU A 26 -4.07 -0.69 1.80
N PRO A 27 -2.87 -0.23 2.17
CA PRO A 27 -2.22 0.88 1.49
C PRO A 27 -1.78 0.51 0.07
N PRO A 28 -1.53 1.49 -0.81
CA PRO A 28 -1.00 1.27 -2.14
C PRO A 28 0.44 0.77 -2.12
N VAL A 29 1.00 0.62 -3.33
CA VAL A 29 2.39 0.36 -3.60
C VAL A 29 2.98 1.39 -4.56
N ILE A 30 4.29 1.28 -4.74
CA ILE A 30 5.19 2.12 -5.49
C ILE A 30 6.13 1.15 -6.22
N GLN A 31 6.55 1.48 -7.45
CA GLN A 31 7.54 0.72 -8.19
C GLN A 31 8.80 0.60 -7.35
N ASN A 32 9.29 -0.62 -7.11
CA ASN A 32 10.48 -0.83 -6.28
C ASN A 32 11.69 -0.24 -7.01
N PRO A 33 12.39 0.76 -6.46
CA PRO A 33 13.46 1.46 -7.17
C PRO A 33 14.73 0.62 -7.38
N GLU A 34 14.81 -0.60 -6.84
CA GLU A 34 16.01 -1.42 -6.81
C GLU A 34 15.74 -2.86 -7.23
N TYR A 35 14.65 -3.46 -6.71
CA TYR A 35 14.11 -4.78 -7.00
C TYR A 35 15.21 -5.83 -7.31
N LYS A 36 15.67 -6.57 -6.28
CA LYS A 36 16.69 -7.58 -6.42
C LYS A 36 16.30 -8.80 -5.59
N GLY A 37 15.67 -9.78 -6.23
CA GLY A 37 15.30 -11.07 -5.66
C GLY A 37 15.38 -12.10 -6.77
#